data_9LRE
#
_entry.id   9LRE
#
_cell.length_a   1.00
_cell.length_b   1.00
_cell.length_c   1.00
_cell.angle_alpha   90.00
_cell.angle_beta   90.00
_cell.angle_gamma   90.00
#
_symmetry.space_group_name_H-M   'P 1'
#
loop_
_entity.id
_entity.type
_entity.pdbx_description
1 polymer 'Guanine nucleotide-binding protein G(i) subunit alpha-1'
2 polymer 'Guanine nucleotide-binding protein G(I)/G(S)/G(T) subunit beta-1'
3 polymer scFv16
4 polymer 'Guanine nucleotide-binding protein G(I)/G(S)/G(O) subunit gamma-2'
5 polymer 'Histamine H4 receptor,Genome polyprotein'
6 non-polymer HISTAMINE
7 water water
#
loop_
_entity_poly.entity_id
_entity_poly.type
_entity_poly.pdbx_seq_one_letter_code
_entity_poly.pdbx_strand_id
1 'polypeptide(L)'
;MGCTLSAEDKAAVERSKMIDRNLREDGEKAAREVKLLLLGAGESGKNTIVKQMKIIHEAGYSEEECKQYKAVVYSNTIQS
IIAIIRAMGRLKIDFGDSARADDARQLFVLAGAAEEGFMTAELAGVIKRLWKDSGVQACFNRSREYQLNDSAAYYLNDLD
RIAQPNYIPTQQDVLRTRVKTTGIVETHFTFKDLHFKMFDVGAQRSERKKWIHCFEGVTAIIFCVALSDYDLVLAEDEEM
NRMHASMKLFDSICNNKWFTDTSIILFLNKKDLFEEKIKKSPLTICYPEYAGSNTYEEAAAYIQCQFEDLNKRKDTKEIY
THFTCSTDTKNVQFVFDAVTDVIIKNNLKDCGLF
;
A
2 'polypeptide(L)'
;MHHHHHHGSLLQSELDQLRQEAEQLKNQIRDARKACADATLSQITNNIDPVGRIQMRTRRTLRGHLAKIYAMHWGTDSRL
LVSASQDGKLIIWDSYTTNKVHAIPLRSSWVMTCAYAPSGNYVACGGLDNICSIYNLKTREGNVRVSRELAGHTGYLSCC
RFLDDNQIVTSSGDTTCALWDIETGQQTTTFTGHTGDVMSLSLAPDTRLFVSGACDASAKLWDVREGMCRQTFTGHESDI
NAICFFPNGNAFATGSDDATCRLFDLRADQELMTYSHDNIICGITSVSFSKSGRLLLAGYDDFNCNVWDALKADRAGVLA
GHDNRVSCLGVTDDGMAVATGSWDSFLKIWN
;
B
3 'polypeptide(L)'
;DVQLVESGGGLVQPGGSRKLSCSASGFAFSSFGMHWVRQAPEKGLEWVAYISSGSGTIYYADTVKGRFTISRDDPKNTLF
LQMTSLRSEDTAMYYCVRSIYYYGSSPFDFWGQGTTLTVSSGGGGSGGGGSGGGGSDIVMTQATSSVPVTPGESVSISCR
SSKSLLHSNGNTYLYWFLQRPGQSPQLLIYRMSNLASGVPDRFSGSGSGTAFTLTISRLEAEDVGVYYCMQHLEYPLTFG
AGTKLELKAAAASSEDLYFQ
;
E
4 'polypeptide(L)' MASNNTASIAQARKLVEQLKMEANIDRIKVSKAAADLMAYCEAHAKEDPLLTPVPASENPFREKKFFS G
5 'polypeptide(L)'
;MKTIIALSYIFCLVFADYKDDDDKGSGGSSGGGSPDTNSTINLSLSTRVTLAFFMSLVAFAIMLGNALVILAFVVDKNLR
HRSSYFFLNLAISDFFVGVISIPLYIPHTLFEWDFGKEICVFWLTTDYLLCTASVYNIVLISYDRYLSVSNAVSYRTQHT
GVLKIVTLMVAVWVLAFLVNGPMILVSESWKDEGSECEPGFFSEWYILAITSFLEFVIPVILVAYFNMNIYWSLWKRDHL
SRCQSHPGLTAVSSNICGHSFRGRLSSRRSLSASTEVPASFHSERQRRKSSLMFSSRTKMNSNTIASKMGSFSQSDSVAL
HQREHVELLRARRLAKSLAILLGVFAVCWAPYSLFTIVLSFYSSATGPKSVWYRIAFWLQWFNSFVNPLLYPLCHKRFQK
AFLKIFCIKKQPLPSQHSRSVSSGGSGGGSGGSSGGGSLEVLFQGPVSKGEELFTGVVPILVELDGDVNGHKFSVSGEGE
GDATYGKLTLKFICTTGKLPVPWPTLVTTLTYGVQCFSRYPDHMKQHDFFKSAMPEGYVQERTIFFKDDGNYKTRAEVKF
EGDTLVNRIELKGIDFKEDGNILGHKLEYNYNSHNVYIMADKQKNGIKVNFKIRHNIEDGSVQLADHYQQNTPIGDGPVL
LPDNHYLSTQSKLSKDPNEKRDHMVLLEFVTAAGITLGMDELYKHHHHHHHH
;
R
#
# COMPACT_ATOMS: atom_id res chain seq x y z
N ALA A 11 12.04 -15.13 12.83
CA ALA A 11 10.66 -15.45 13.32
C ALA A 11 9.75 -14.24 13.16
N ALA A 12 10.21 -13.08 13.64
CA ALA A 12 9.48 -11.85 13.40
C ALA A 12 9.58 -11.42 11.94
N VAL A 13 10.75 -11.59 11.34
CA VAL A 13 10.89 -11.32 9.91
C VAL A 13 10.05 -12.29 9.10
N GLU A 14 9.94 -13.54 9.55
CA GLU A 14 9.10 -14.51 8.86
C GLU A 14 7.63 -14.18 9.02
N ARG A 15 7.26 -13.47 10.09
CA ARG A 15 5.87 -13.05 10.24
C ARG A 15 5.54 -11.93 9.27
N SER A 16 6.49 -11.02 9.04
CA SER A 16 6.27 -9.94 8.08
C SER A 16 6.07 -10.46 6.67
N LYS A 17 6.83 -11.50 6.29
CA LYS A 17 6.68 -12.08 4.96
C LYS A 17 5.35 -12.80 4.79
N MET A 18 4.87 -13.47 5.84
CA MET A 18 3.55 -14.07 5.78
C MET A 18 2.46 -13.01 5.62
N ILE A 19 2.66 -11.84 6.21
CA ILE A 19 1.70 -10.75 6.06
C ILE A 19 1.73 -10.21 4.64
N ASP A 20 2.94 -10.05 4.08
CA ASP A 20 3.06 -9.60 2.70
C ASP A 20 2.34 -10.54 1.75
N ARG A 21 2.45 -11.85 1.99
CA ARG A 21 1.80 -12.82 1.13
C ARG A 21 0.29 -12.58 1.06
N ASN A 22 -0.34 -12.38 2.21
CA ASN A 22 -1.78 -12.18 2.26
C ASN A 22 -2.21 -10.78 1.87
N LEU A 23 -1.36 -9.77 2.08
CA LEU A 23 -1.68 -8.43 1.60
C LEU A 23 -1.69 -8.37 0.09
N ARG A 24 -0.69 -8.99 -0.54
CA ARG A 24 -0.61 -9.02 -1.99
C ARG A 24 -1.63 -9.94 -2.63
N GLU A 25 -2.08 -10.97 -1.91
CA GLU A 25 -3.18 -11.81 -2.39
C GLU A 25 -4.51 -11.08 -2.31
N ASP A 26 -4.65 -10.11 -1.40
CA ASP A 26 -5.87 -9.32 -1.31
C ASP A 26 -5.95 -8.29 -2.43
N GLY A 27 -4.82 -7.71 -2.81
CA GLY A 27 -4.83 -6.76 -3.92
C GLY A 27 -5.21 -7.41 -5.23
N GLU A 28 -4.79 -8.65 -5.44
CA GLU A 28 -5.19 -9.38 -6.65
C GLU A 28 -6.69 -9.56 -6.69
N LYS A 29 -7.30 -9.89 -5.56
CA LYS A 29 -8.75 -10.07 -5.51
C LYS A 29 -9.47 -8.74 -5.70
N ALA A 30 -8.94 -7.66 -5.17
CA ALA A 30 -9.57 -6.35 -5.24
C ALA A 30 -9.33 -5.66 -6.58
N ALA A 31 -8.49 -6.22 -7.44
CA ALA A 31 -8.25 -5.70 -8.77
C ALA A 31 -9.10 -6.37 -9.83
N ARG A 32 -9.84 -7.42 -9.47
CA ARG A 32 -10.71 -8.13 -10.39
C ARG A 32 -12.16 -7.70 -10.26
N GLU A 33 -12.42 -6.64 -9.49
CA GLU A 33 -13.77 -6.18 -9.20
C GLU A 33 -14.01 -4.84 -9.87
N VAL A 34 -15.24 -4.63 -10.32
CA VAL A 34 -15.65 -3.39 -10.96
C VAL A 34 -16.21 -2.48 -9.88
N LYS A 35 -15.53 -1.35 -9.64
CA LYS A 35 -15.98 -0.35 -8.68
C LYS A 35 -16.81 0.70 -9.39
N LEU A 36 -18.07 0.83 -8.98
CA LEU A 36 -19.00 1.79 -9.56
C LEU A 36 -19.38 2.83 -8.53
N LEU A 37 -19.34 4.10 -8.94
CA LEU A 37 -19.79 5.21 -8.10
C LEU A 37 -21.17 5.63 -8.57
N LEU A 38 -22.16 5.53 -7.67
CA LEU A 38 -23.55 5.81 -8.00
C LEU A 38 -23.90 7.21 -7.51
N LEU A 39 -24.26 8.08 -8.45
CA LEU A 39 -24.68 9.45 -8.15
C LEU A 39 -26.04 9.73 -8.76
N GLY A 40 -26.53 10.94 -8.52
CA GLY A 40 -27.84 11.34 -9.00
C GLY A 40 -28.33 12.64 -8.38
N SER A 44 -34.72 11.26 -8.16
CA SER A 44 -33.69 10.91 -9.12
C SER A 44 -33.86 9.49 -9.62
N GLY A 45 -34.15 8.58 -8.70
CA GLY A 45 -34.33 7.19 -9.03
C GLY A 45 -33.15 6.29 -8.71
N LYS A 46 -32.21 6.74 -7.89
CA LYS A 46 -31.09 5.88 -7.51
C LYS A 46 -31.58 4.64 -6.78
N ASN A 47 -32.52 4.81 -5.85
CA ASN A 47 -33.04 3.66 -5.12
C ASN A 47 -33.67 2.63 -6.06
N THR A 48 -34.24 3.09 -7.18
CA THR A 48 -34.72 2.16 -8.18
C THR A 48 -33.57 1.37 -8.79
N ILE A 49 -32.50 2.05 -9.19
CA ILE A 49 -31.35 1.36 -9.77
C ILE A 49 -30.72 0.43 -8.75
N VAL A 50 -30.54 0.90 -7.51
CA VAL A 50 -29.94 0.05 -6.48
C VAL A 50 -30.79 -1.20 -6.28
N LYS A 51 -32.10 -1.03 -6.15
CA LYS A 51 -32.97 -2.17 -5.92
C LYS A 51 -33.06 -3.07 -7.15
N GLN A 52 -32.74 -2.53 -8.34
CA GLN A 52 -32.85 -3.33 -9.55
C GLN A 52 -31.68 -4.31 -9.66
N MET A 53 -30.47 -3.89 -9.30
CA MET A 53 -29.30 -4.75 -9.32
C MET A 53 -28.86 -5.17 -7.92
N LYS A 54 -29.80 -5.22 -6.97
CA LYS A 54 -29.49 -5.68 -5.61
C LYS A 54 -29.63 -7.21 -5.59
N ILE A 55 -28.72 -7.88 -6.30
CA ILE A 55 -28.72 -9.32 -6.33
C ILE A 55 -28.18 -9.89 -5.03
N ILE A 56 -27.22 -9.20 -4.43
CA ILE A 56 -26.67 -9.60 -3.14
C ILE A 56 -26.63 -8.40 -2.21
N GLY A 183 -23.37 6.55 6.27
CA GLY A 183 -22.55 7.50 5.51
C GLY A 183 -22.41 7.10 4.07
N ILE A 184 -21.83 5.92 3.84
CA ILE A 184 -21.66 5.37 2.49
C ILE A 184 -22.29 3.99 2.48
N VAL A 185 -23.13 3.73 1.48
CA VAL A 185 -23.81 2.45 1.32
C VAL A 185 -23.16 1.73 0.15
N GLU A 186 -22.62 0.55 0.42
CA GLU A 186 -21.95 -0.24 -0.60
C GLU A 186 -22.82 -1.44 -0.96
N THR A 187 -23.05 -1.62 -2.25
CA THR A 187 -23.83 -2.73 -2.77
C THR A 187 -22.92 -3.62 -3.61
N HIS A 188 -22.85 -4.89 -3.27
CA HIS A 188 -22.05 -5.87 -3.99
C HIS A 188 -22.99 -6.83 -4.70
N PHE A 189 -22.82 -6.97 -6.02
CA PHE A 189 -23.61 -7.90 -6.81
C PHE A 189 -22.74 -8.49 -7.89
N THR A 190 -23.16 -9.64 -8.40
CA THR A 190 -22.41 -10.40 -9.40
C THR A 190 -23.29 -10.64 -10.61
N PHE A 191 -22.75 -10.35 -11.80
CA PHE A 191 -23.48 -10.56 -13.04
C PHE A 191 -22.52 -11.11 -14.09
N LYS A 192 -22.75 -12.35 -14.51
CA LYS A 192 -21.99 -12.97 -15.59
C LYS A 192 -20.50 -12.97 -15.28
N ASP A 193 -20.15 -13.50 -14.12
CA ASP A 193 -18.79 -13.73 -13.65
C ASP A 193 -18.05 -12.45 -13.27
N LEU A 194 -18.71 -11.30 -13.29
CA LEU A 194 -18.11 -10.05 -12.85
C LEU A 194 -18.66 -9.67 -11.47
N HIS A 195 -17.78 -9.20 -10.60
CA HIS A 195 -18.16 -8.72 -9.28
C HIS A 195 -18.15 -7.20 -9.29
N PHE A 196 -19.31 -6.60 -9.02
CA PHE A 196 -19.46 -5.15 -9.00
C PHE A 196 -19.60 -4.67 -7.57
N LYS A 197 -19.09 -3.46 -7.32
CA LYS A 197 -19.26 -2.79 -6.03
C LYS A 197 -19.77 -1.39 -6.30
N MET A 198 -21.04 -1.14 -6.02
CA MET A 198 -21.62 0.19 -6.12
C MET A 198 -21.44 0.93 -4.81
N PHE A 199 -21.06 2.20 -4.90
CA PHE A 199 -20.84 3.04 -3.73
C PHE A 199 -21.79 4.22 -3.83
N ASP A 200 -22.83 4.21 -3.00
CA ASP A 200 -23.85 5.23 -3.00
C ASP A 200 -23.50 6.28 -1.95
N VAL A 201 -23.33 7.52 -2.40
CA VAL A 201 -22.94 8.63 -1.53
C VAL A 201 -24.09 9.61 -1.34
N GLY A 202 -25.32 9.14 -1.44
CA GLY A 202 -26.47 10.03 -1.27
C GLY A 202 -26.57 10.61 0.13
N ALA A 203 -26.31 9.80 1.15
CA ALA A 203 -26.38 10.25 2.54
C ALA A 203 -25.05 10.82 3.01
N GLN A 204 -24.51 11.75 2.23
CA GLN A 204 -23.29 12.50 2.57
C GLN A 204 -23.62 13.96 2.38
N ARG A 205 -23.94 14.63 3.49
CA ARG A 205 -24.35 16.03 3.49
C ARG A 205 -23.16 16.96 3.67
N SER A 206 -21.97 16.51 3.27
CA SER A 206 -20.74 17.25 3.52
C SER A 206 -20.22 17.86 2.23
N GLU A 207 -19.04 18.46 2.29
CA GLU A 207 -18.43 19.09 1.12
C GLU A 207 -17.82 18.01 0.24
N ARG A 208 -18.40 17.80 -0.94
CA ARG A 208 -17.93 16.74 -1.83
C ARG A 208 -16.48 16.95 -2.23
N LYS A 209 -16.02 18.21 -2.26
CA LYS A 209 -14.63 18.49 -2.60
C LYS A 209 -13.65 17.75 -1.70
N LYS A 210 -14.03 17.47 -0.46
CA LYS A 210 -13.15 16.83 0.51
C LYS A 210 -12.98 15.33 0.32
N TRP A 211 -14.00 14.64 -0.21
CA TRP A 211 -13.96 13.19 -0.31
C TRP A 211 -14.23 12.66 -1.71
N ILE A 212 -14.35 13.53 -2.72
CA ILE A 212 -14.62 13.05 -4.06
C ILE A 212 -13.39 12.35 -4.63
N HIS A 213 -12.19 12.82 -4.30
CA HIS A 213 -10.96 12.20 -4.80
C HIS A 213 -10.79 10.77 -4.29
N CYS A 214 -11.51 10.38 -3.24
CA CYS A 214 -11.40 9.02 -2.73
C CYS A 214 -11.90 8.00 -3.75
N PHE A 215 -12.69 8.43 -4.73
CA PHE A 215 -13.28 7.53 -5.71
C PHE A 215 -12.58 7.59 -7.06
N GLU A 216 -11.48 8.34 -7.16
CA GLU A 216 -10.64 8.26 -8.34
C GLU A 216 -10.11 6.84 -8.50
N GLY A 217 -10.32 6.26 -9.66
CA GLY A 217 -9.96 4.87 -9.91
C GLY A 217 -11.12 3.93 -10.07
N VAL A 218 -12.36 4.42 -9.94
CA VAL A 218 -13.52 3.58 -10.21
C VAL A 218 -13.62 3.32 -11.71
N THR A 219 -14.24 2.19 -12.06
CA THR A 219 -14.38 1.83 -13.47
C THR A 219 -15.32 2.79 -14.19
N ALA A 220 -16.41 3.18 -13.54
CA ALA A 220 -17.40 4.06 -14.18
C ALA A 220 -18.23 4.72 -13.09
N ILE A 221 -18.98 5.74 -13.51
CA ILE A 221 -19.93 6.43 -12.65
C ILE A 221 -21.31 6.19 -13.23
N ILE A 222 -22.23 5.72 -12.39
CA ILE A 222 -23.63 5.60 -12.77
C ILE A 222 -24.36 6.84 -12.28
N PHE A 223 -24.79 7.69 -13.21
CA PHE A 223 -25.52 8.91 -12.90
C PHE A 223 -26.99 8.67 -13.24
N CYS A 224 -27.87 8.92 -12.27
CA CYS A 224 -29.29 8.65 -12.42
C CYS A 224 -30.05 9.97 -12.51
N VAL A 225 -30.88 10.09 -13.54
CA VAL A 225 -31.72 11.27 -13.76
C VAL A 225 -33.14 10.78 -14.02
N ALA A 226 -34.12 11.52 -13.50
CA ALA A 226 -35.53 11.19 -13.69
C ALA A 226 -36.11 12.09 -14.78
N LEU A 227 -36.52 11.47 -15.89
CA LEU A 227 -37.11 12.24 -16.98
C LEU A 227 -38.39 12.93 -16.55
N SER A 228 -39.18 12.29 -15.69
CA SER A 228 -40.48 12.81 -15.29
C SER A 228 -40.39 14.02 -14.37
N ASP A 229 -39.19 14.53 -14.09
CA ASP A 229 -39.03 15.67 -13.18
C ASP A 229 -38.34 16.81 -13.93
N TYR A 230 -39.15 17.54 -14.72
CA TYR A 230 -38.71 18.75 -15.36
C TYR A 230 -39.66 19.91 -15.15
N ASP A 231 -40.94 19.64 -14.93
CA ASP A 231 -41.90 20.64 -14.51
C ASP A 231 -41.94 20.81 -13.00
N LEU A 232 -41.20 19.98 -12.26
CA LEU A 232 -41.17 20.03 -10.81
C LEU A 232 -40.08 20.99 -10.34
N VAL A 233 -40.10 21.27 -9.05
CA VAL A 233 -39.13 22.18 -8.44
C VAL A 233 -38.59 21.56 -7.16
N MET A 240 -33.12 25.79 -9.18
CA MET A 240 -34.56 25.83 -8.92
C MET A 240 -35.25 24.63 -9.55
N ASN A 241 -35.26 24.58 -10.88
CA ASN A 241 -35.88 23.47 -11.58
C ASN A 241 -35.10 22.19 -11.31
N ARG A 242 -35.83 21.09 -11.11
CA ARG A 242 -35.18 19.83 -10.79
C ARG A 242 -34.28 19.36 -11.92
N MET A 243 -34.76 19.43 -13.17
CA MET A 243 -33.97 18.96 -14.29
C MET A 243 -32.70 19.77 -14.48
N HIS A 244 -32.68 21.02 -14.03
CA HIS A 244 -31.48 21.84 -14.11
C HIS A 244 -30.59 21.68 -12.89
N ALA A 245 -31.09 21.09 -11.81
CA ALA A 245 -30.23 20.68 -10.70
C ALA A 245 -29.44 19.43 -11.07
N SER A 246 -30.08 18.48 -11.77
CA SER A 246 -29.35 17.33 -12.28
C SER A 246 -28.31 17.74 -13.30
N MET A 247 -28.67 18.69 -14.19
CA MET A 247 -27.72 19.19 -15.17
C MET A 247 -26.54 19.90 -14.52
N LYS A 248 -26.78 20.63 -13.44
CA LYS A 248 -25.68 21.30 -12.75
C LYS A 248 -24.76 20.29 -12.07
N LEU A 249 -25.32 19.21 -11.52
CA LEU A 249 -24.49 18.21 -10.87
C LEU A 249 -23.78 17.33 -11.89
N PHE A 250 -24.45 17.02 -13.00
CA PHE A 250 -23.83 16.18 -14.03
C PHE A 250 -22.60 16.86 -14.61
N ASP A 251 -22.68 18.16 -14.86
CA ASP A 251 -21.53 18.89 -15.38
C ASP A 251 -20.39 18.90 -14.38
N SER A 252 -20.71 18.90 -13.09
CA SER A 252 -19.67 18.95 -12.07
C SER A 252 -18.84 17.67 -12.06
N ILE A 253 -19.49 16.51 -12.07
CA ILE A 253 -18.76 15.25 -11.99
C ILE A 253 -18.14 14.92 -13.35
N CYS A 254 -18.87 15.14 -14.43
CA CYS A 254 -18.37 14.77 -15.76
C CYS A 254 -17.10 15.53 -16.09
N ASN A 255 -17.05 16.81 -15.77
CA ASN A 255 -15.88 17.64 -16.03
C ASN A 255 -14.95 17.72 -14.82
N ASN A 256 -15.16 16.88 -13.81
CA ASN A 256 -14.29 16.85 -12.66
C ASN A 256 -12.88 16.40 -13.06
N LYS A 257 -11.87 16.97 -12.40
CA LYS A 257 -10.49 16.64 -12.73
C LYS A 257 -10.09 15.24 -12.27
N TRP A 258 -10.75 14.70 -11.25
CA TRP A 258 -10.47 13.35 -10.79
C TRP A 258 -11.09 12.28 -11.68
N PHE A 259 -11.97 12.67 -12.59
CA PHE A 259 -12.74 11.74 -13.40
C PHE A 259 -12.56 12.04 -14.88
N THR A 260 -11.33 12.38 -15.28
CA THR A 260 -11.08 12.72 -16.67
C THR A 260 -11.24 11.50 -17.58
N ASP A 261 -10.78 10.34 -17.12
CA ASP A 261 -10.84 9.12 -17.93
C ASP A 261 -11.99 8.20 -17.55
N THR A 262 -12.84 8.61 -16.60
CA THR A 262 -13.88 7.71 -16.11
C THR A 262 -15.16 7.87 -16.92
N SER A 263 -15.63 6.77 -17.50
CA SER A 263 -16.87 6.78 -18.26
C SER A 263 -18.07 6.98 -17.34
N ILE A 264 -19.13 7.56 -17.90
CA ILE A 264 -20.38 7.79 -17.19
C ILE A 264 -21.45 6.94 -17.82
N ILE A 265 -22.19 6.21 -16.99
CA ILE A 265 -23.37 5.48 -17.42
C ILE A 265 -24.58 6.30 -16.98
N LEU A 266 -25.26 6.91 -17.94
CA LEU A 266 -26.40 7.77 -17.66
C LEU A 266 -27.68 6.95 -17.66
N PHE A 267 -28.46 7.08 -16.60
CA PHE A 267 -29.76 6.43 -16.47
C PHE A 267 -30.83 7.52 -16.42
N LEU A 268 -31.59 7.65 -17.49
CA LEU A 268 -32.71 8.59 -17.56
C LEU A 268 -33.95 7.79 -17.16
N ASN A 269 -34.37 7.93 -15.91
CA ASN A 269 -35.35 7.06 -15.30
C ASN A 269 -36.77 7.58 -15.51
N LYS A 270 -37.74 6.77 -15.09
CA LYS A 270 -39.14 7.16 -15.05
C LYS A 270 -39.62 7.65 -16.42
N LYS A 271 -39.44 6.82 -17.44
CA LYS A 271 -39.91 7.17 -18.77
C LYS A 271 -41.41 7.01 -18.91
N ASP A 272 -42.03 6.15 -18.09
CA ASP A 272 -43.48 6.01 -18.15
C ASP A 272 -44.18 7.27 -17.65
N LEU A 273 -43.65 7.88 -16.58
CA LEU A 273 -44.26 9.09 -16.06
C LEU A 273 -43.90 10.30 -16.91
N PHE A 274 -42.82 10.21 -17.68
CA PHE A 274 -42.43 11.32 -18.55
C PHE A 274 -43.30 11.39 -19.79
N GLU A 275 -43.67 10.23 -20.35
CA GLU A 275 -44.48 10.23 -21.56
C GLU A 275 -45.92 10.63 -21.28
N GLU A 276 -46.36 10.58 -20.02
CA GLU A 276 -47.72 10.99 -19.69
C GLU A 276 -47.78 12.49 -19.40
N LYS A 277 -46.73 13.03 -18.79
CA LYS A 277 -46.67 14.46 -18.49
C LYS A 277 -46.27 15.30 -19.70
N ILE A 278 -45.53 14.73 -20.65
CA ILE A 278 -45.14 15.48 -21.84
C ILE A 278 -46.36 15.79 -22.70
N LYS A 279 -47.29 14.84 -22.79
CA LYS A 279 -48.53 15.07 -23.53
C LYS A 279 -49.48 15.97 -22.74
N LYS A 280 -49.28 16.09 -21.42
CA LYS A 280 -50.14 16.92 -20.60
C LYS A 280 -49.58 18.32 -20.44
N SER A 281 -48.28 18.43 -20.23
CA SER A 281 -47.60 19.70 -20.05
C SER A 281 -46.45 19.82 -21.03
N PRO A 282 -46.20 21.02 -21.56
CA PRO A 282 -45.11 21.20 -22.52
C PRO A 282 -43.74 21.19 -21.84
N LEU A 283 -42.73 20.90 -22.66
CA LEU A 283 -41.35 20.91 -22.19
C LEU A 283 -40.77 22.31 -22.09
N THR A 284 -41.44 23.31 -22.65
CA THR A 284 -40.93 24.68 -22.59
C THR A 284 -40.80 25.18 -21.15
N ILE A 285 -41.51 24.56 -20.21
CA ILE A 285 -41.37 24.94 -18.81
C ILE A 285 -39.94 24.70 -18.33
N CYS A 286 -39.25 23.74 -18.93
CA CYS A 286 -37.88 23.41 -18.53
C CYS A 286 -36.89 24.02 -19.50
N TYR A 287 -37.04 23.73 -20.80
CA TYR A 287 -36.16 24.29 -21.82
C TYR A 287 -36.92 25.32 -22.64
N PRO A 288 -36.69 26.61 -22.46
CA PRO A 288 -37.44 27.61 -23.24
C PRO A 288 -37.22 27.49 -24.74
N GLU A 289 -36.09 26.91 -25.16
CA GLU A 289 -35.78 26.74 -26.57
C GLU A 289 -36.02 25.28 -26.94
N TYR A 290 -37.04 25.04 -27.76
CA TYR A 290 -37.38 23.68 -28.16
C TYR A 290 -38.46 23.69 -29.22
N ALA A 291 -38.48 22.66 -30.08
CA ALA A 291 -39.39 22.60 -31.23
C ALA A 291 -40.44 21.50 -31.11
N GLY A 292 -40.02 20.25 -30.88
CA GLY A 292 -40.96 19.15 -30.80
C GLY A 292 -41.80 19.18 -29.54
N SER A 293 -42.69 20.17 -29.46
CA SER A 293 -43.37 20.52 -28.22
C SER A 293 -43.80 19.30 -27.40
N ASN A 294 -44.59 18.41 -28.00
CA ASN A 294 -45.25 17.33 -27.26
C ASN A 294 -45.08 16.01 -28.01
N THR A 295 -44.03 15.27 -27.66
CA THR A 295 -43.80 13.93 -28.17
C THR A 295 -42.70 13.27 -27.35
N TYR A 296 -42.96 12.05 -26.89
CA TYR A 296 -41.98 11.36 -26.05
C TYR A 296 -40.67 11.17 -26.78
N GLU A 297 -40.71 10.71 -28.03
CA GLU A 297 -39.49 10.38 -28.75
C GLU A 297 -38.62 11.61 -28.94
N GLU A 298 -39.21 12.72 -29.38
CA GLU A 298 -38.42 13.92 -29.66
C GLU A 298 -38.01 14.62 -28.37
N ALA A 299 -38.91 14.68 -27.38
CA ALA A 299 -38.59 15.36 -26.13
C ALA A 299 -37.49 14.62 -25.38
N ALA A 300 -37.61 13.29 -25.28
CA ALA A 300 -36.57 12.51 -24.61
C ALA A 300 -35.23 12.65 -25.31
N ALA A 301 -35.23 12.58 -26.64
CA ALA A 301 -33.99 12.74 -27.38
C ALA A 301 -33.37 14.11 -27.14
N TYR A 302 -34.19 15.16 -27.05
CA TYR A 302 -33.67 16.48 -26.75
C TYR A 302 -33.02 16.51 -25.37
N ILE A 303 -33.66 15.88 -24.38
CA ILE A 303 -33.09 15.82 -23.04
C ILE A 303 -31.76 15.06 -23.06
N GLN A 304 -31.76 13.88 -23.67
CA GLN A 304 -30.54 13.09 -23.74
C GLN A 304 -29.41 13.84 -24.42
N CYS A 305 -29.73 14.74 -25.36
CA CYS A 305 -28.71 15.50 -26.06
C CYS A 305 -28.11 16.62 -25.22
N GLN A 306 -28.86 17.16 -24.26
CA GLN A 306 -28.35 18.22 -23.40
C GLN A 306 -27.53 17.69 -22.23
N PHE A 307 -27.53 16.37 -22.02
CA PHE A 307 -26.66 15.74 -21.04
C PHE A 307 -25.34 15.29 -21.63
N GLU A 308 -25.36 14.79 -22.87
CA GLU A 308 -24.14 14.40 -23.55
C GLU A 308 -23.42 15.57 -24.21
N ASP A 309 -24.08 16.72 -24.33
CA ASP A 309 -23.43 17.94 -24.76
C ASP A 309 -22.80 18.70 -23.60
N LEU A 310 -23.06 18.28 -22.37
CA LEU A 310 -22.37 18.80 -21.21
C LEU A 310 -20.99 18.20 -21.04
N ASN A 311 -20.67 17.16 -21.80
CA ASN A 311 -19.36 16.51 -21.74
C ASN A 311 -18.35 17.33 -22.50
N LYS A 312 -17.39 17.93 -21.78
CA LYS A 312 -16.35 18.74 -22.40
C LYS A 312 -15.17 17.89 -22.85
N ARG A 313 -14.93 16.76 -22.20
CA ARG A 313 -13.85 15.85 -22.59
C ARG A 313 -14.39 14.88 -23.62
N LYS A 314 -13.91 14.99 -24.86
CA LYS A 314 -14.35 14.16 -25.96
C LYS A 314 -13.20 13.27 -26.41
N ASP A 315 -13.49 11.99 -26.60
CA ASP A 315 -12.49 10.98 -26.94
C ASP A 315 -11.67 10.60 -25.71
N THR A 316 -11.92 11.25 -24.58
CA THR A 316 -11.28 10.86 -23.34
C THR A 316 -12.14 9.88 -22.55
N LYS A 317 -13.46 9.96 -22.70
CA LYS A 317 -14.38 9.03 -22.05
C LYS A 317 -15.69 9.00 -22.82
N GLU A 318 -16.52 8.00 -22.51
CA GLU A 318 -17.79 7.78 -23.16
C GLU A 318 -18.93 8.05 -22.18
N ILE A 319 -20.11 8.28 -22.72
CA ILE A 319 -21.34 8.41 -21.95
C ILE A 319 -22.34 7.43 -22.55
N TYR A 320 -22.79 6.46 -21.74
CA TYR A 320 -23.69 5.42 -22.19
C TYR A 320 -25.08 5.70 -21.62
N THR A 321 -25.94 6.30 -22.43
CA THR A 321 -27.25 6.77 -21.98
C THR A 321 -28.29 5.67 -22.15
N HIS A 322 -29.17 5.55 -21.17
CA HIS A 322 -30.19 4.50 -21.15
C HIS A 322 -31.50 5.07 -20.63
N PHE A 323 -32.60 4.73 -21.30
CA PHE A 323 -33.94 5.12 -20.86
C PHE A 323 -34.55 3.95 -20.09
N THR A 324 -35.08 4.23 -18.90
CA THR A 324 -35.36 3.19 -17.90
C THR A 324 -36.61 3.56 -17.11
N CYS A 325 -37.64 2.71 -17.21
CA CYS A 325 -38.70 2.73 -16.22
C CYS A 325 -38.36 1.77 -15.08
N SER A 326 -39.05 1.94 -13.95
CA SER A 326 -38.82 1.06 -12.82
C SER A 326 -39.11 -0.39 -13.19
N THR A 327 -40.07 -0.62 -14.08
CA THR A 327 -40.40 -1.97 -14.51
C THR A 327 -39.32 -2.58 -15.39
N ASP A 328 -38.35 -1.78 -15.84
CA ASP A 328 -37.32 -2.29 -16.73
C ASP A 328 -36.56 -3.43 -16.08
N THR A 329 -36.23 -4.44 -16.89
CA THR A 329 -35.48 -5.61 -16.45
C THR A 329 -34.25 -5.82 -17.31
N LYS A 330 -33.66 -4.72 -17.77
CA LYS A 330 -32.44 -4.77 -18.58
C LYS A 330 -31.29 -3.97 -17.97
N ASN A 331 -31.51 -3.32 -16.83
CA ASN A 331 -30.54 -2.36 -16.32
C ASN A 331 -29.20 -3.03 -16.04
N VAL A 332 -29.22 -4.20 -15.42
CA VAL A 332 -27.97 -4.86 -15.04
C VAL A 332 -27.19 -5.25 -16.29
N GLN A 333 -27.89 -5.75 -17.31
CA GLN A 333 -27.23 -6.11 -18.56
C GLN A 333 -26.58 -4.88 -19.20
N PHE A 334 -27.28 -3.74 -19.19
CA PHE A 334 -26.72 -2.54 -19.79
C PHE A 334 -25.45 -2.09 -19.07
N VAL A 335 -25.45 -2.16 -17.74
CA VAL A 335 -24.26 -1.81 -16.99
C VAL A 335 -23.13 -2.78 -17.31
N PHE A 336 -23.46 -4.06 -17.43
CA PHE A 336 -22.45 -5.06 -17.78
C PHE A 336 -21.94 -4.83 -19.20
N ASP A 337 -22.84 -4.52 -20.14
CA ASP A 337 -22.43 -4.25 -21.50
C ASP A 337 -21.55 -3.01 -21.59
N ALA A 338 -21.93 -1.96 -20.86
CA ALA A 338 -21.18 -0.71 -20.93
C ALA A 338 -19.86 -0.81 -20.17
N VAL A 339 -19.83 -1.63 -19.12
CA VAL A 339 -18.59 -1.84 -18.38
C VAL A 339 -17.59 -2.65 -19.22
N THR A 340 -18.09 -3.64 -19.96
CA THR A 340 -17.21 -4.43 -20.81
C THR A 340 -16.55 -3.55 -21.87
N ASP A 341 -17.31 -2.58 -22.40
CA ASP A 341 -16.72 -1.63 -23.35
C ASP A 341 -15.62 -0.81 -22.68
N VAL A 342 -15.86 -0.38 -21.44
CA VAL A 342 -14.87 0.40 -20.71
C VAL A 342 -13.59 -0.41 -20.50
N ILE A 343 -13.75 -1.67 -20.09
CA ILE A 343 -12.59 -2.51 -19.80
C ILE A 343 -11.75 -2.69 -21.06
N ILE A 344 -12.40 -3.00 -22.18
CA ILE A 344 -11.67 -3.25 -23.42
C ILE A 344 -10.92 -2.01 -23.87
N LYS A 345 -11.58 -0.85 -23.82
CA LYS A 345 -10.91 0.39 -24.19
C LYS A 345 -9.75 0.69 -23.24
N ASN A 346 -9.86 0.24 -21.99
CA ASN A 346 -8.78 0.44 -21.04
C ASN A 346 -7.57 -0.43 -21.37
N ASN A 347 -7.82 -1.66 -21.83
CA ASN A 347 -6.72 -2.55 -22.21
C ASN A 347 -5.97 -1.99 -23.40
N LEU A 348 -6.70 -1.48 -24.40
CA LEU A 348 -6.04 -0.96 -25.60
C LEU A 348 -5.33 0.35 -25.31
N LYS A 349 -5.86 1.14 -24.37
CA LYS A 349 -5.21 2.40 -24.03
C LYS A 349 -3.95 2.16 -23.21
N ASP A 350 -3.96 1.15 -22.35
CA ASP A 350 -2.77 0.81 -21.58
C ASP A 350 -1.63 0.39 -22.48
N CYS A 351 -1.92 -0.42 -23.50
CA CYS A 351 -0.91 -0.88 -24.44
C CYS A 351 -0.42 0.23 -25.36
N GLY A 352 -0.98 1.44 -25.26
CA GLY A 352 -0.59 2.52 -26.13
C GLY A 352 -1.09 2.41 -27.55
N LEU A 353 -2.05 1.50 -27.79
CA LEU A 353 -2.50 1.27 -29.16
C LEU A 353 -3.34 2.43 -29.68
N PHE A 354 -4.20 2.99 -28.84
CA PHE A 354 -4.98 4.16 -29.24
C PHE A 354 -4.05 5.36 -29.44
N GLU B 14 -35.71 41.24 16.54
CA GLU B 14 -34.35 41.61 17.05
C GLU B 14 -33.26 40.84 16.29
N LEU B 15 -33.12 41.14 15.00
CA LEU B 15 -32.13 40.50 14.15
C LEU B 15 -31.10 41.48 13.63
N ASP B 16 -31.54 42.64 13.13
CA ASP B 16 -30.60 43.58 12.53
C ASP B 16 -29.71 44.23 13.60
N GLN B 17 -30.31 44.68 14.70
CA GLN B 17 -29.52 45.32 15.74
C GLN B 17 -28.68 44.29 16.50
N LEU B 18 -29.23 43.10 16.73
CA LEU B 18 -28.43 42.04 17.35
C LEU B 18 -27.24 41.68 16.47
N ARG B 19 -27.44 41.59 15.16
CA ARG B 19 -26.33 41.30 14.26
C ARG B 19 -25.32 42.45 14.25
N GLN B 20 -25.80 43.69 14.33
CA GLN B 20 -24.88 44.82 14.40
C GLN B 20 -24.04 44.75 15.67
N GLU B 21 -24.63 44.28 16.77
CA GLU B 21 -23.85 44.06 17.98
C GLU B 21 -22.77 43.02 17.75
N ALA B 22 -23.07 42.00 16.94
CA ALA B 22 -22.07 40.98 16.62
C ALA B 22 -20.89 41.61 15.89
N GLU B 23 -21.17 42.46 14.90
CA GLU B 23 -20.09 43.13 14.17
C GLU B 23 -19.31 44.07 15.08
N GLN B 24 -20.01 44.79 15.97
CA GLN B 24 -19.32 45.70 16.87
C GLN B 24 -18.38 44.94 17.80
N LEU B 25 -18.80 43.78 18.29
CA LEU B 25 -17.93 42.99 19.17
C LEU B 25 -16.79 42.37 18.38
N LYS B 26 -17.04 41.96 17.13
CA LYS B 26 -15.96 41.47 16.28
C LYS B 26 -14.95 42.57 16.02
N ASN B 27 -15.41 43.79 15.76
CA ASN B 27 -14.49 44.91 15.56
C ASN B 27 -13.69 45.17 16.82
N GLN B 28 -14.33 45.07 17.99
CA GLN B 28 -13.61 45.25 19.24
C GLN B 28 -12.57 44.16 19.44
N ILE B 29 -12.89 42.93 19.04
CA ILE B 29 -11.92 41.84 19.15
C ILE B 29 -10.71 42.12 18.26
N ARG B 30 -10.95 42.55 17.02
CA ARG B 30 -9.85 42.83 16.11
C ARG B 30 -8.98 43.98 16.65
N ASP B 31 -9.61 44.97 17.29
CA ASP B 31 -8.85 46.06 17.88
C ASP B 31 -7.98 45.56 19.04
N ALA B 32 -8.51 44.65 19.85
CA ALA B 32 -7.75 44.12 20.97
C ALA B 32 -6.55 43.32 20.49
N ARG B 33 -6.73 42.49 19.46
CA ARG B 33 -5.62 41.71 18.93
C ARG B 33 -4.54 42.61 18.36
N LYS B 34 -4.93 43.65 17.62
CA LYS B 34 -3.95 44.58 17.08
C LYS B 34 -3.32 45.44 18.17
N ALA B 35 -4.08 45.79 19.21
CA ALA B 35 -3.54 46.63 20.27
C ALA B 35 -2.37 45.97 20.96
N CYS B 36 -2.48 44.66 21.24
CA CYS B 36 -1.42 43.94 21.91
C CYS B 36 -0.27 43.54 20.99
N ALA B 37 -0.45 43.66 19.68
CA ALA B 37 0.58 43.28 18.72
C ALA B 37 1.64 44.38 18.68
N ASP B 38 2.67 44.21 19.51
CA ASP B 38 3.76 45.18 19.54
C ASP B 38 4.62 45.08 18.29
N ALA B 39 5.26 43.93 18.09
CA ALA B 39 6.17 43.72 16.97
C ALA B 39 5.94 42.34 16.39
N THR B 40 6.19 42.20 15.10
CA THR B 40 6.04 40.91 14.43
C THR B 40 7.15 39.96 14.88
N LEU B 41 6.84 38.66 14.81
CA LEU B 41 7.81 37.65 15.23
C LEU B 41 9.08 37.71 14.41
N SER B 42 9.00 38.15 13.15
CA SER B 42 10.18 38.12 12.29
C SER B 42 11.15 39.25 12.61
N GLN B 43 10.70 40.24 13.39
CA GLN B 43 11.58 41.35 13.74
C GLN B 43 12.49 40.98 14.91
N ILE B 44 11.99 40.22 15.88
CA ILE B 44 12.79 39.85 17.03
C ILE B 44 13.56 38.56 16.82
N THR B 45 13.10 37.67 15.94
CA THR B 45 13.79 36.43 15.64
C THR B 45 14.83 36.61 14.54
N ASN B 46 14.93 37.80 13.96
CA ASN B 46 15.93 38.05 12.93
C ASN B 46 17.35 37.99 13.50
N ASN B 47 17.50 38.02 14.82
CA ASN B 47 18.80 37.92 15.46
C ASN B 47 19.23 36.48 15.68
N ILE B 48 18.40 35.52 15.32
CA ILE B 48 18.70 34.10 15.48
C ILE B 48 19.51 33.64 14.28
N ASP B 49 20.47 32.75 14.52
CA ASP B 49 21.20 32.15 13.42
C ASP B 49 20.28 31.22 12.64
N PRO B 50 20.28 31.27 11.31
CA PRO B 50 19.41 30.38 10.54
C PRO B 50 19.81 28.93 10.71
N VAL B 51 18.81 28.05 10.58
CA VAL B 51 19.08 26.62 10.67
C VAL B 51 20.11 26.21 9.63
N GLY B 52 20.16 26.91 8.51
CA GLY B 52 21.12 26.63 7.45
C GLY B 52 20.51 25.80 6.35
N ARG B 53 20.93 24.54 6.25
CA ARG B 53 20.41 23.63 5.25
C ARG B 53 20.19 22.27 5.90
N ILE B 54 19.08 21.63 5.56
CA ILE B 54 18.70 20.34 6.11
C ILE B 54 18.57 19.37 4.94
N GLN B 55 19.42 18.35 4.93
CA GLN B 55 19.35 17.27 3.96
C GLN B 55 19.01 15.97 4.69
N MET B 56 17.77 15.52 4.53
CA MET B 56 17.30 14.30 5.17
C MET B 56 17.24 13.19 4.14
N ARG B 57 17.92 12.09 4.45
CA ARG B 57 17.99 10.93 3.57
C ARG B 57 16.88 9.96 3.93
N THR B 58 16.36 9.28 2.91
CA THR B 58 15.38 8.23 3.13
C THR B 58 16.06 7.00 3.72
N ARG B 59 15.83 6.76 5.01
CA ARG B 59 16.42 5.63 5.70
C ARG B 59 15.64 4.34 5.52
N ARG B 60 14.31 4.40 5.55
CA ARG B 60 13.47 3.24 5.37
C ARG B 60 12.40 3.56 4.34
N THR B 61 11.93 2.54 3.64
CA THR B 61 10.80 2.67 2.74
C THR B 61 9.85 1.52 3.04
N LEU B 62 8.70 1.84 3.62
CA LEU B 62 7.72 0.84 4.02
C LEU B 62 6.76 0.63 2.85
N ARG B 63 6.78 -0.57 2.28
CA ARG B 63 6.04 -0.89 1.07
C ARG B 63 5.20 -2.13 1.31
N GLY B 64 3.96 -1.94 1.77
CA GLY B 64 3.02 -3.04 1.84
C GLY B 64 1.61 -2.65 1.44
N HIS B 65 1.38 -1.36 1.20
CA HIS B 65 0.06 -0.86 0.85
C HIS B 65 -0.12 -0.87 -0.66
N LEU B 66 -1.34 -1.18 -1.09
CA LEU B 66 -1.67 -1.29 -2.50
C LEU B 66 -2.61 -0.20 -2.99
N ALA B 67 -2.91 0.80 -2.16
CA ALA B 67 -3.74 1.92 -2.56
C ALA B 67 -3.15 3.20 -1.99
N LYS B 68 -3.91 4.29 -2.06
CA LYS B 68 -3.45 5.56 -1.50
C LYS B 68 -3.43 5.49 0.02
N ILE B 69 -2.39 6.07 0.62
CA ILE B 69 -2.26 6.16 2.06
C ILE B 69 -2.81 7.51 2.49
N TYR B 70 -3.72 7.50 3.47
CA TYR B 70 -4.42 8.71 3.87
C TYR B 70 -3.98 9.23 5.23
N ALA B 71 -3.52 8.34 6.12
CA ALA B 71 -3.16 8.75 7.47
C ALA B 71 -2.09 7.83 8.03
N MET B 72 -1.28 8.37 8.93
CA MET B 72 -0.29 7.62 9.66
C MET B 72 -0.12 8.23 11.04
N HIS B 73 0.27 7.40 12.01
CA HIS B 73 0.51 7.89 13.36
C HIS B 73 1.64 7.09 14.00
N TRP B 74 2.61 7.80 14.58
CA TRP B 74 3.65 7.17 15.37
C TRP B 74 3.10 6.72 16.72
N GLY B 75 3.55 5.54 17.15
CA GLY B 75 3.38 5.12 18.52
C GLY B 75 4.33 5.87 19.43
N THR B 76 3.96 5.97 20.70
CA THR B 76 4.82 6.68 21.65
C THR B 76 6.15 5.97 21.87
N ASP B 77 6.27 4.72 21.43
CA ASP B 77 7.54 4.02 21.46
C ASP B 77 8.60 4.69 20.59
N SER B 78 8.18 5.48 19.60
CA SER B 78 9.05 6.05 18.58
C SER B 78 9.65 4.97 17.68
N ARG B 79 9.04 3.80 17.66
CA ARG B 79 9.47 2.69 16.83
C ARG B 79 8.32 2.07 16.05
N LEU B 80 7.11 2.11 16.58
CA LEU B 80 5.93 1.57 15.92
C LEU B 80 5.10 2.70 15.34
N LEU B 81 4.46 2.43 14.20
CA LEU B 81 3.59 3.40 13.56
C LEU B 81 2.51 2.68 12.78
N VAL B 82 1.33 3.29 12.69
CA VAL B 82 0.21 2.76 11.94
C VAL B 82 0.05 3.57 10.67
N SER B 83 -0.45 2.94 9.62
CA SER B 83 -0.84 3.61 8.41
C SER B 83 -2.17 3.05 7.95
N ALA B 84 -2.98 3.90 7.31
CA ALA B 84 -4.25 3.50 6.75
C ALA B 84 -4.28 3.82 5.27
N SER B 85 -4.56 2.81 4.45
CA SER B 85 -4.77 2.99 3.03
C SER B 85 -6.18 2.55 2.70
N GLN B 86 -6.70 3.08 1.58
CA GLN B 86 -8.04 2.73 1.14
C GLN B 86 -8.06 1.45 0.33
N ASP B 87 -7.01 0.64 0.44
CA ASP B 87 -7.07 -0.77 0.07
C ASP B 87 -7.74 -1.60 1.16
N GLY B 88 -8.20 -0.96 2.23
CA GLY B 88 -8.91 -1.66 3.29
C GLY B 88 -8.03 -2.22 4.38
N LYS B 89 -6.81 -1.70 4.55
CA LYS B 89 -5.85 -2.27 5.47
C LYS B 89 -5.31 -1.21 6.42
N LEU B 90 -5.03 -1.64 7.64
CA LEU B 90 -4.46 -0.80 8.69
C LEU B 90 -3.22 -1.55 9.20
N ILE B 91 -2.04 -1.10 8.81
CA ILE B 91 -0.79 -1.83 9.03
C ILE B 91 -0.01 -1.17 10.14
N ILE B 92 0.56 -1.99 11.02
CA ILE B 92 1.46 -1.53 12.07
C ILE B 92 2.87 -1.93 11.64
N TRP B 93 3.80 -0.98 11.70
CA TRP B 93 5.15 -1.20 11.20
C TRP B 93 6.17 -1.18 12.32
N ASP B 94 7.21 -1.99 12.16
CA ASP B 94 8.45 -1.85 12.93
C ASP B 94 9.37 -0.99 12.07
N SER B 95 9.57 0.27 12.48
CA SER B 95 10.32 1.19 11.63
C SER B 95 11.82 0.97 11.71
N TYR B 96 12.30 0.18 12.69
CA TYR B 96 13.72 -0.12 12.75
C TYR B 96 14.07 -1.28 11.83
N THR B 97 13.28 -2.35 11.87
CA THR B 97 13.50 -3.53 11.04
C THR B 97 12.58 -3.55 9.83
N THR B 98 11.83 -2.47 9.60
CA THR B 98 10.86 -2.40 8.51
C THR B 98 9.95 -3.62 8.47
N ASN B 99 9.76 -4.27 9.60
CA ASN B 99 8.88 -5.43 9.69
C ASN B 99 7.44 -5.00 9.87
N LYS B 100 6.52 -5.87 9.48
CA LYS B 100 5.09 -5.67 9.67
C LYS B 100 4.68 -6.40 10.94
N VAL B 101 4.21 -5.64 11.93
CA VAL B 101 3.78 -6.26 13.18
C VAL B 101 2.36 -6.80 13.03
N HIS B 102 1.44 -5.99 12.51
CA HIS B 102 0.06 -6.42 12.33
C HIS B 102 -0.46 -5.92 10.98
N ALA B 103 -1.52 -6.57 10.51
CA ALA B 103 -2.27 -6.12 9.33
C ALA B 103 -3.74 -6.28 9.65
N ILE B 104 -4.43 -5.17 9.88
CA ILE B 104 -5.81 -5.18 10.36
C ILE B 104 -6.73 -4.93 9.18
N PRO B 105 -7.59 -5.88 8.80
CA PRO B 105 -8.60 -5.59 7.78
C PRO B 105 -9.76 -4.81 8.35
N LEU B 106 -10.30 -3.91 7.53
CA LEU B 106 -11.32 -2.97 7.97
C LEU B 106 -12.66 -3.28 7.29
N ARG B 107 -13.75 -2.99 8.01
CA ARG B 107 -15.07 -3.22 7.45
C ARG B 107 -15.33 -2.33 6.25
N SER B 108 -15.01 -1.04 6.36
CA SER B 108 -15.17 -0.09 5.27
C SER B 108 -13.79 0.33 4.76
N SER B 109 -13.62 0.31 3.44
CA SER B 109 -12.32 0.64 2.85
C SER B 109 -11.99 2.11 3.00
N TRP B 110 -12.99 2.99 2.99
CA TRP B 110 -12.76 4.42 2.94
C TRP B 110 -12.45 4.92 4.34
N VAL B 111 -11.15 5.04 4.64
CA VAL B 111 -10.65 5.53 5.92
C VAL B 111 -9.91 6.82 5.62
N MET B 112 -10.11 7.83 6.45
CA MET B 112 -9.46 9.12 6.30
C MET B 112 -8.55 9.45 7.47
N THR B 113 -8.55 8.64 8.52
CA THR B 113 -7.75 8.93 9.71
C THR B 113 -7.44 7.63 10.44
N CYS B 114 -6.39 7.68 11.25
CA CYS B 114 -6.03 6.57 12.12
C CYS B 114 -5.21 7.12 13.28
N ALA B 115 -5.28 6.45 14.42
CA ALA B 115 -4.59 6.90 15.62
C ALA B 115 -4.02 5.72 16.39
N TYR B 116 -3.03 6.01 17.22
CA TYR B 116 -2.36 5.05 18.08
C TYR B 116 -2.59 5.48 19.53
N ALA B 117 -3.01 4.55 20.37
CA ALA B 117 -3.22 4.90 21.77
C ALA B 117 -1.88 5.20 22.42
N PRO B 118 -1.79 6.27 23.22
CA PRO B 118 -0.49 6.62 23.83
C PRO B 118 0.07 5.53 24.72
N SER B 119 -0.76 4.58 25.16
CA SER B 119 -0.27 3.39 25.85
C SER B 119 0.24 2.32 24.90
N GLY B 120 -0.29 2.27 23.68
CA GLY B 120 0.15 1.29 22.71
C GLY B 120 -0.71 0.04 22.63
N ASN B 121 -1.87 0.03 23.29
CA ASN B 121 -2.73 -1.15 23.32
C ASN B 121 -3.88 -1.06 22.33
N TYR B 122 -4.16 0.12 21.76
CA TYR B 122 -5.30 0.28 20.89
C TYR B 122 -4.92 1.10 19.67
N VAL B 123 -5.70 0.92 18.60
CA VAL B 123 -5.58 1.69 17.38
C VAL B 123 -7.00 2.08 16.95
N ALA B 124 -7.15 3.31 16.47
CA ALA B 124 -8.43 3.84 16.03
C ALA B 124 -8.33 4.25 14.57
N CYS B 125 -9.44 4.13 13.84
CA CYS B 125 -9.51 4.58 12.46
C CYS B 125 -10.96 4.85 12.09
N GLY B 126 -11.15 5.71 11.10
CA GLY B 126 -12.49 6.05 10.65
C GLY B 126 -12.46 6.79 9.32
N GLY B 127 -13.64 6.92 8.73
CA GLY B 127 -13.74 7.53 7.41
C GLY B 127 -15.16 7.79 6.94
N LEU B 128 -15.44 7.42 5.70
CA LEU B 128 -16.70 7.78 5.05
C LEU B 128 -17.91 7.02 5.59
N ASP B 129 -17.72 6.13 6.56
CA ASP B 129 -18.85 5.41 7.15
C ASP B 129 -19.39 6.10 8.40
N ASN B 130 -18.74 7.17 8.87
CA ASN B 130 -19.18 7.95 10.02
C ASN B 130 -19.00 7.20 11.34
N ILE B 131 -18.10 6.22 11.38
CA ILE B 131 -17.88 5.40 12.57
C ILE B 131 -16.40 5.40 12.91
N CYS B 132 -16.09 5.58 14.19
CA CYS B 132 -14.73 5.44 14.70
C CYS B 132 -14.61 4.07 15.37
N SER B 133 -13.93 3.16 14.72
CA SER B 133 -13.70 1.83 15.27
C SER B 133 -12.44 1.81 16.11
N ILE B 134 -12.47 1.04 17.19
CA ILE B 134 -11.34 0.91 18.11
C ILE B 134 -10.90 -0.55 18.08
N TYR B 135 -9.61 -0.78 17.88
CA TYR B 135 -9.04 -2.11 17.78
C TYR B 135 -8.13 -2.38 18.97
N ASN B 136 -8.24 -3.58 19.53
CA ASN B 136 -7.39 -4.00 20.64
C ASN B 136 -6.15 -4.70 20.09
N LEU B 137 -4.97 -4.19 20.44
CA LEU B 137 -3.72 -4.75 19.98
C LEU B 137 -3.12 -5.74 20.97
N LYS B 138 -3.76 -5.98 22.11
CA LYS B 138 -3.19 -6.76 23.20
C LYS B 138 -4.21 -7.81 23.65
N THR B 139 -4.80 -8.51 22.69
CA THR B 139 -5.73 -9.59 22.97
C THR B 139 -4.96 -10.86 23.32
N ARG B 140 -5.55 -11.65 24.23
CA ARG B 140 -4.94 -12.91 24.65
C ARG B 140 -5.09 -14.02 23.61
N GLU B 141 -6.02 -13.87 22.66
CA GLU B 141 -6.26 -14.90 21.66
C GLU B 141 -5.32 -14.80 20.48
N GLY B 142 -4.44 -13.80 20.44
CA GLY B 142 -3.43 -13.73 19.41
C GLY B 142 -3.87 -13.09 18.12
N ASN B 143 -4.76 -12.10 18.21
CA ASN B 143 -5.20 -11.37 17.01
C ASN B 143 -5.71 -10.01 17.44
N VAL B 144 -5.80 -9.10 16.48
CA VAL B 144 -6.32 -7.76 16.72
C VAL B 144 -7.82 -7.78 16.46
N ARG B 145 -8.60 -7.44 17.48
CA ARG B 145 -10.05 -7.49 17.42
C ARG B 145 -10.62 -6.08 17.31
N VAL B 146 -11.92 -6.01 17.08
CA VAL B 146 -12.65 -4.75 17.16
C VAL B 146 -13.30 -4.66 18.53
N SER B 147 -12.89 -3.69 19.34
CA SER B 147 -13.37 -3.56 20.70
C SER B 147 -14.52 -2.57 20.83
N ARG B 148 -14.72 -1.69 19.84
CA ARG B 148 -15.72 -0.64 19.98
C ARG B 148 -15.93 0.00 18.62
N GLU B 149 -17.17 0.42 18.37
CA GLU B 149 -17.55 1.14 17.15
C GLU B 149 -18.37 2.35 17.55
N LEU B 150 -17.73 3.53 17.54
CA LEU B 150 -18.35 4.77 17.99
C LEU B 150 -19.13 5.38 16.84
N ALA B 151 -20.45 5.45 16.97
CA ALA B 151 -21.34 5.89 15.90
C ALA B 151 -22.23 7.02 16.41
N GLY B 152 -21.77 8.25 16.26
CA GLY B 152 -22.58 9.41 16.64
C GLY B 152 -22.57 10.54 15.64
N HIS B 153 -21.67 10.50 14.66
CA HIS B 153 -21.53 11.54 13.67
C HIS B 153 -22.44 11.29 12.47
N THR B 154 -22.87 12.38 11.85
CA THR B 154 -23.64 12.34 10.62
C THR B 154 -22.80 12.67 9.38
N GLY B 155 -21.52 12.98 9.59
CA GLY B 155 -20.61 13.25 8.50
C GLY B 155 -19.34 12.44 8.66
N TYR B 156 -18.58 12.36 7.58
CA TYR B 156 -17.38 11.53 7.56
C TYR B 156 -16.43 11.95 8.68
N LEU B 157 -15.63 11.01 9.15
CA LEU B 157 -14.67 11.26 10.22
C LEU B 157 -13.32 11.61 9.59
N SER B 158 -12.79 12.78 9.94
CA SER B 158 -11.57 13.27 9.31
C SER B 158 -10.35 13.19 10.23
N CYS B 159 -10.56 13.12 11.55
CA CYS B 159 -9.45 12.96 12.48
C CYS B 159 -9.97 12.39 13.79
N CYS B 160 -9.08 11.72 14.51
CA CYS B 160 -9.38 11.16 15.82
C CYS B 160 -8.07 10.91 16.54
N ARG B 161 -8.02 11.25 17.83
CA ARG B 161 -6.83 11.04 18.64
C ARG B 161 -7.21 10.69 20.07
N PHE B 162 -6.57 9.64 20.59
CA PHE B 162 -6.80 9.18 21.95
C PHE B 162 -6.32 10.21 22.96
N LEU B 163 -7.10 10.36 24.03
CA LEU B 163 -6.60 11.02 25.24
C LEU B 163 -5.98 10.00 26.18
N ASP B 164 -6.60 8.84 26.30
CA ASP B 164 -6.06 7.71 27.06
C ASP B 164 -6.66 6.45 26.44
N ASP B 165 -6.56 5.33 27.16
CA ASP B 165 -7.15 4.08 26.70
C ASP B 165 -8.66 4.05 26.85
N ASN B 166 -9.26 5.12 27.38
CA ASN B 166 -10.68 5.12 27.72
C ASN B 166 -11.50 6.17 26.99
N GLN B 167 -10.92 7.31 26.61
CA GLN B 167 -11.67 8.36 25.94
C GLN B 167 -10.88 8.92 24.76
N ILE B 168 -11.58 9.25 23.69
CA ILE B 168 -11.01 9.67 22.43
C ILE B 168 -11.83 10.84 21.88
N VAL B 169 -11.18 11.75 21.17
CA VAL B 169 -11.85 12.90 20.56
C VAL B 169 -11.76 12.75 19.05
N THR B 170 -12.87 13.02 18.36
CA THR B 170 -12.95 12.89 16.91
C THR B 170 -13.52 14.14 16.29
N SER B 171 -13.02 14.49 15.11
CA SER B 171 -13.64 15.50 14.26
C SER B 171 -14.42 14.82 13.14
N SER B 172 -15.34 15.57 12.53
CA SER B 172 -16.23 15.01 11.54
C SER B 172 -16.59 16.07 10.51
N GLY B 173 -17.08 15.61 9.36
CA GLY B 173 -17.58 16.47 8.33
C GLY B 173 -18.98 16.99 8.58
N ASP B 174 -19.62 16.59 9.68
CA ASP B 174 -20.89 17.16 10.09
C ASP B 174 -20.71 18.45 10.88
N THR B 175 -19.53 19.03 10.86
CA THR B 175 -19.23 20.34 11.43
C THR B 175 -19.09 20.33 12.95
N THR B 176 -18.85 19.17 13.56
CA THR B 176 -18.75 19.09 15.01
C THR B 176 -17.60 18.17 15.42
N CYS B 177 -17.07 18.42 16.61
CA CYS B 177 -16.12 17.51 17.25
C CYS B 177 -16.79 16.89 18.48
N ALA B 178 -16.37 15.67 18.80
CA ALA B 178 -16.97 14.91 19.89
C ALA B 178 -15.90 14.26 20.74
N LEU B 179 -16.17 14.19 22.05
CA LEU B 179 -15.36 13.45 23.00
C LEU B 179 -16.14 12.21 23.40
N TRP B 180 -15.48 11.05 23.35
CA TRP B 180 -16.15 9.77 23.51
C TRP B 180 -15.67 9.05 24.77
N ASP B 181 -16.58 8.30 25.38
CA ASP B 181 -16.22 7.30 26.37
C ASP B 181 -16.22 5.93 25.70
N ILE B 182 -15.03 5.35 25.54
CA ILE B 182 -14.91 4.11 24.78
C ILE B 182 -15.52 2.93 25.54
N GLU B 183 -15.53 2.97 26.87
CA GLU B 183 -16.14 1.88 27.63
C GLU B 183 -17.65 1.82 27.42
N THR B 184 -18.33 2.95 27.34
CA THR B 184 -19.77 3.01 27.10
C THR B 184 -20.14 3.24 25.66
N GLY B 185 -19.27 3.90 24.89
CA GLY B 185 -19.53 4.16 23.49
C GLY B 185 -20.44 5.33 23.21
N GLN B 186 -20.40 6.38 24.02
CA GLN B 186 -21.29 7.52 23.88
C GLN B 186 -20.49 8.81 24.01
N GLN B 187 -20.95 9.86 23.32
CA GLN B 187 -20.28 11.15 23.34
C GLN B 187 -20.43 11.77 24.73
N THR B 188 -19.31 11.95 25.43
CA THR B 188 -19.36 12.62 26.73
C THR B 188 -19.67 14.10 26.56
N THR B 189 -19.06 14.74 25.56
CA THR B 189 -19.37 16.12 25.22
C THR B 189 -19.28 16.29 23.71
N THR B 190 -20.05 17.25 23.21
CA THR B 190 -20.07 17.58 21.80
C THR B 190 -19.60 19.02 21.63
N PHE B 191 -18.70 19.24 20.68
CA PHE B 191 -18.11 20.54 20.43
C PHE B 191 -18.72 21.09 19.14
N THR B 192 -19.44 22.20 19.25
CA THR B 192 -20.16 22.77 18.12
C THR B 192 -19.81 24.25 17.98
N GLY B 193 -19.95 24.75 16.76
CA GLY B 193 -19.70 26.16 16.50
C GLY B 193 -19.10 26.44 15.14
N HIS B 194 -18.50 25.44 14.51
CA HIS B 194 -17.97 25.60 13.16
C HIS B 194 -19.11 25.68 12.15
N THR B 195 -18.77 26.13 10.95
CA THR B 195 -19.72 26.23 9.85
C THR B 195 -19.46 25.25 8.72
N GLY B 196 -18.20 24.92 8.44
CA GLY B 196 -17.86 23.90 7.48
C GLY B 196 -17.35 22.64 8.13
N ASP B 197 -16.95 21.69 7.30
CA ASP B 197 -16.46 20.41 7.79
C ASP B 197 -15.18 20.62 8.59
N VAL B 198 -15.07 19.91 9.72
CA VAL B 198 -13.86 19.93 10.52
C VAL B 198 -12.91 18.90 9.93
N MET B 199 -11.70 19.35 9.57
CA MET B 199 -10.81 18.51 8.77
C MET B 199 -9.70 17.91 9.62
N SER B 200 -9.38 18.53 10.75
CA SER B 200 -8.26 18.05 11.56
C SER B 200 -8.45 18.52 12.99
N LEU B 201 -7.84 17.80 13.92
CA LEU B 201 -7.72 18.22 15.31
C LEU B 201 -6.34 17.83 15.83
N SER B 202 -5.90 18.54 16.86
CA SER B 202 -4.59 18.31 17.46
C SER B 202 -4.70 18.45 18.98
N LEU B 203 -4.38 17.39 19.70
CA LEU B 203 -4.39 17.40 21.15
C LEU B 203 -3.22 18.20 21.69
N ALA B 204 -3.47 18.92 22.78
CA ALA B 204 -2.40 19.60 23.48
C ALA B 204 -1.56 18.58 24.23
N PRO B 205 -0.30 18.91 24.53
CA PRO B 205 0.52 17.98 25.31
C PRO B 205 -0.09 17.61 26.66
N ASP B 206 -0.75 18.55 27.32
CA ASP B 206 -1.44 18.27 28.58
C ASP B 206 -2.77 17.54 28.37
N THR B 207 -3.31 17.55 27.15
CA THR B 207 -4.52 16.79 26.82
C THR B 207 -5.74 17.31 27.57
N ARG B 208 -5.74 18.61 27.88
CA ARG B 208 -6.93 19.29 28.36
C ARG B 208 -7.51 20.27 27.36
N LEU B 209 -6.74 20.63 26.32
CA LEU B 209 -7.19 21.49 25.25
C LEU B 209 -6.91 20.80 23.93
N PHE B 210 -7.60 21.22 22.87
CA PHE B 210 -7.27 20.78 21.52
C PHE B 210 -7.76 21.83 20.53
N VAL B 211 -7.14 21.85 19.36
CA VAL B 211 -7.50 22.77 18.31
C VAL B 211 -8.07 21.97 17.14
N SER B 212 -9.01 22.58 16.42
CA SER B 212 -9.61 21.94 15.26
C SER B 212 -9.74 22.98 14.14
N GLY B 213 -9.33 22.61 12.94
CA GLY B 213 -9.48 23.44 11.76
C GLY B 213 -10.55 22.85 10.85
N ALA B 214 -11.34 23.73 10.24
CA ALA B 214 -12.50 23.32 9.46
C ALA B 214 -12.46 23.96 8.08
N CYS B 215 -13.48 23.67 7.28
CA CYS B 215 -13.58 24.14 5.90
C CYS B 215 -14.07 25.58 5.81
N ASP B 216 -14.48 26.20 6.92
CA ASP B 216 -14.80 27.61 6.94
C ASP B 216 -13.55 28.47 7.18
N ALA B 217 -12.37 27.89 6.97
CA ALA B 217 -11.11 28.62 7.10
C ALA B 217 -10.99 29.28 8.46
N SER B 218 -11.26 28.51 9.52
CA SER B 218 -11.13 29.00 10.88
C SER B 218 -10.68 27.86 11.79
N ALA B 219 -9.85 28.19 12.77
CA ALA B 219 -9.40 27.25 13.79
C ALA B 219 -9.94 27.71 15.14
N LYS B 220 -10.46 26.77 15.92
CA LYS B 220 -11.05 27.07 17.22
C LYS B 220 -10.41 26.21 18.29
N LEU B 221 -10.19 26.82 19.45
CA LEU B 221 -9.60 26.14 20.60
C LEU B 221 -10.70 25.74 21.57
N TRP B 222 -10.71 24.47 21.97
CA TRP B 222 -11.77 23.89 22.77
C TRP B 222 -11.24 23.46 24.13
N ASP B 223 -12.13 23.43 25.11
CA ASP B 223 -11.84 22.85 26.42
C ASP B 223 -12.49 21.48 26.51
N VAL B 224 -11.67 20.45 26.73
CA VAL B 224 -12.19 19.08 26.69
C VAL B 224 -13.19 18.85 27.81
N ARG B 225 -12.89 19.34 29.02
CA ARG B 225 -13.76 19.08 30.15
C ARG B 225 -15.04 19.93 30.07
N GLU B 226 -14.91 21.19 29.66
CA GLU B 226 -16.07 22.08 29.63
C GLU B 226 -16.94 21.82 28.41
N GLY B 227 -16.34 21.92 27.22
CA GLY B 227 -17.08 21.80 25.98
C GLY B 227 -17.39 23.11 25.30
N MET B 228 -16.53 24.12 25.43
CA MET B 228 -16.79 25.46 24.93
C MET B 228 -15.58 25.97 24.15
N CYS B 229 -15.84 26.88 23.22
CA CYS B 229 -14.78 27.58 22.51
C CYS B 229 -14.11 28.55 23.47
N ARG B 230 -12.79 28.42 23.62
CA ARG B 230 -12.05 29.44 24.36
C ARG B 230 -11.59 30.55 23.44
N GLN B 231 -11.17 30.22 22.21
CA GLN B 231 -10.68 31.20 21.25
C GLN B 231 -10.99 30.70 19.85
N THR B 232 -11.01 31.64 18.91
CA THR B 232 -11.21 31.34 17.50
C THR B 232 -10.13 32.05 16.70
N PHE B 233 -9.61 31.38 15.67
CA PHE B 233 -8.50 31.88 14.88
C PHE B 233 -8.86 31.86 13.41
N THR B 234 -8.68 32.99 12.74
CA THR B 234 -8.99 33.14 11.33
C THR B 234 -7.80 33.77 10.61
N GLY B 235 -7.88 33.79 9.29
CA GLY B 235 -6.82 34.35 8.48
C GLY B 235 -6.54 33.56 7.22
N HIS B 236 -6.77 32.25 7.26
CA HIS B 236 -6.62 31.44 6.07
C HIS B 236 -7.72 31.78 5.08
N GLU B 237 -7.40 31.72 3.79
CA GLU B 237 -8.33 32.04 2.73
C GLU B 237 -9.05 30.83 2.16
N SER B 238 -8.75 29.63 2.67
CA SER B 238 -9.37 28.42 2.15
C SER B 238 -9.44 27.38 3.26
N ASP B 239 -9.86 26.18 2.89
CA ASP B 239 -10.04 25.11 3.87
C ASP B 239 -8.73 24.81 4.59
N ILE B 240 -8.84 24.57 5.89
CA ILE B 240 -7.70 24.18 6.72
C ILE B 240 -7.66 22.66 6.75
N ASN B 241 -6.65 22.08 6.10
CA ASN B 241 -6.57 20.62 5.99
C ASN B 241 -5.77 20.00 7.12
N ALA B 242 -4.82 20.73 7.69
CA ALA B 242 -3.92 20.20 8.69
C ALA B 242 -3.78 21.18 9.84
N ILE B 243 -3.44 20.64 11.01
CA ILE B 243 -3.26 21.44 12.22
C ILE B 243 -2.41 20.63 13.20
N CYS B 244 -1.51 21.33 13.89
CA CYS B 244 -0.60 20.69 14.83
C CYS B 244 -0.26 21.65 15.96
N PHE B 245 -0.09 21.09 17.16
CA PHE B 245 0.31 21.89 18.32
C PHE B 245 1.82 22.03 18.39
N PHE B 246 2.25 23.21 18.86
CA PHE B 246 3.65 23.42 19.17
C PHE B 246 4.03 22.57 20.38
N PRO B 247 5.30 22.16 20.50
CA PRO B 247 5.65 21.23 21.60
C PRO B 247 5.33 21.75 22.98
N ASN B 248 5.43 23.06 23.23
CA ASN B 248 5.14 23.57 24.57
C ASN B 248 3.65 23.81 24.78
N GLY B 249 2.84 23.67 23.73
CA GLY B 249 1.41 23.82 23.84
C GLY B 249 0.90 25.24 23.90
N ASN B 250 1.75 26.24 23.66
CA ASN B 250 1.34 27.62 23.64
C ASN B 250 1.10 28.16 22.23
N ALA B 251 1.16 27.31 21.22
CA ALA B 251 0.93 27.72 19.85
C ALA B 251 0.63 26.50 19.01
N PHE B 252 0.03 26.74 17.84
CA PHE B 252 -0.29 25.68 16.91
C PHE B 252 -0.15 26.22 15.49
N ALA B 253 0.01 25.32 14.54
CA ALA B 253 0.19 25.67 13.14
C ALA B 253 -0.80 24.92 12.27
N THR B 254 -1.36 25.63 11.29
CA THR B 254 -2.37 25.10 10.39
C THR B 254 -1.84 25.06 8.97
N GLY B 255 -2.34 24.11 8.19
CA GLY B 255 -2.06 24.04 6.76
C GLY B 255 -3.35 24.06 5.97
N SER B 256 -3.42 24.95 5.00
CA SER B 256 -4.65 25.25 4.28
C SER B 256 -4.49 24.96 2.79
N ASP B 257 -5.59 25.14 2.06
CA ASP B 257 -5.62 24.94 0.62
C ASP B 257 -5.10 26.14 -0.16
N ASP B 258 -4.90 27.28 0.49
CA ASP B 258 -4.38 28.48 -0.17
C ASP B 258 -2.86 28.48 -0.23
N ALA B 259 -2.23 27.33 -0.09
CA ALA B 259 -0.78 27.18 -0.24
C ALA B 259 -0.02 27.94 0.85
N THR B 260 -0.61 28.04 2.04
CA THR B 260 0.04 28.69 3.16
C THR B 260 -0.13 27.84 4.42
N CYS B 261 0.87 27.92 5.28
CA CYS B 261 0.76 27.46 6.66
C CYS B 261 0.92 28.67 7.56
N ARG B 262 0.23 28.67 8.69
CA ARG B 262 0.27 29.79 9.62
C ARG B 262 0.49 29.29 11.04
N LEU B 263 1.21 30.08 11.82
CA LEU B 263 1.45 29.80 13.23
C LEU B 263 0.57 30.73 14.06
N PHE B 264 -0.29 30.14 14.89
CA PHE B 264 -1.19 30.89 15.74
C PHE B 264 -0.78 30.77 17.20
N ASP B 265 -0.72 31.91 17.88
CA ASP B 265 -0.43 31.95 19.31
C ASP B 265 -1.73 31.92 20.09
N LEU B 266 -1.73 31.18 21.21
CA LEU B 266 -2.92 31.08 22.04
C LEU B 266 -3.01 32.21 23.06
N ARG B 267 -1.87 32.70 23.52
CA ARG B 267 -1.86 33.83 24.44
C ARG B 267 -2.17 35.14 23.72
N ALA B 268 -1.38 35.46 22.70
CA ALA B 268 -1.59 36.67 21.92
C ALA B 268 -2.89 36.66 21.13
N ASP B 269 -3.50 35.49 20.93
CA ASP B 269 -4.75 35.34 20.19
C ASP B 269 -4.68 35.89 18.78
N GLN B 270 -3.56 35.68 18.08
CA GLN B 270 -3.37 36.15 16.72
C GLN B 270 -2.26 35.33 16.06
N GLU B 271 -2.21 35.39 14.73
CA GLU B 271 -1.20 34.65 13.99
C GLU B 271 0.17 35.27 14.21
N LEU B 272 1.21 34.44 14.13
CA LEU B 272 2.58 34.87 14.36
C LEU B 272 3.37 35.06 13.08
N MET B 273 3.31 34.09 12.17
CA MET B 273 3.95 34.23 10.87
C MET B 273 3.31 33.27 9.89
N THR B 274 3.64 33.47 8.61
CA THR B 274 3.08 32.69 7.51
C THR B 274 4.21 31.99 6.78
N TYR B 275 3.99 30.72 6.44
CA TYR B 275 4.98 29.90 5.75
C TYR B 275 4.46 29.65 4.32
N SER B 276 4.77 30.59 3.43
CA SER B 276 4.27 30.54 2.06
C SER B 276 5.41 30.90 1.13
N HIS B 277 5.41 30.31 -0.07
CA HIS B 277 6.37 30.63 -1.11
C HIS B 277 5.64 30.87 -2.42
N ASP B 278 6.17 31.81 -3.21
CA ASP B 278 5.53 32.15 -4.48
C ASP B 278 5.45 30.96 -5.41
N ASN B 279 6.47 30.10 -5.43
CA ASN B 279 6.51 28.94 -6.31
C ASN B 279 5.64 27.80 -5.82
N ILE B 280 5.03 27.94 -4.64
CA ILE B 280 4.13 26.92 -4.09
C ILE B 280 2.71 27.42 -4.30
N ILE B 281 1.95 26.70 -5.13
CA ILE B 281 0.59 27.11 -5.48
C ILE B 281 -0.35 25.94 -5.24
N CYS B 282 0.00 25.07 -4.30
CA CYS B 282 -0.76 23.87 -4.00
C CYS B 282 -1.18 23.87 -2.53
N GLY B 283 -2.17 23.03 -2.23
CA GLY B 283 -2.67 22.96 -0.87
C GLY B 283 -1.82 22.07 0.02
N ILE B 284 -1.81 22.42 1.31
CA ILE B 284 -1.05 21.67 2.30
C ILE B 284 -1.91 20.53 2.83
N THR B 285 -1.37 19.32 2.80
CA THR B 285 -2.12 18.15 3.24
C THR B 285 -1.85 17.78 4.69
N SER B 286 -0.68 18.14 5.23
CA SER B 286 -0.31 17.75 6.59
C SER B 286 0.79 18.67 7.08
N VAL B 287 0.84 18.85 8.41
CA VAL B 287 1.85 19.67 9.05
C VAL B 287 2.36 18.94 10.28
N SER B 288 3.59 19.24 10.67
CA SER B 288 4.16 18.66 11.88
C SER B 288 5.28 19.56 12.38
N PHE B 289 5.65 19.35 13.64
CA PHE B 289 6.75 20.05 14.27
C PHE B 289 7.82 19.06 14.69
N SER B 290 9.07 19.53 14.70
CA SER B 290 10.16 18.74 15.25
C SER B 290 10.14 18.82 16.78
N LYS B 291 10.95 17.98 17.42
CA LYS B 291 10.88 17.85 18.87
C LYS B 291 11.14 19.18 19.56
N SER B 292 11.96 20.04 18.97
CA SER B 292 12.27 21.34 19.55
C SER B 292 11.39 22.46 19.01
N GLY B 293 10.45 22.15 18.12
CA GLY B 293 9.62 23.17 17.52
C GLY B 293 10.38 24.19 16.70
N ARG B 294 11.53 23.81 16.15
CA ARG B 294 12.30 24.69 15.28
C ARG B 294 12.12 24.36 13.80
N LEU B 295 11.47 23.25 13.49
CA LEU B 295 11.25 22.81 12.12
C LEU B 295 9.77 22.48 11.95
N LEU B 296 9.11 23.19 11.05
CA LEU B 296 7.73 22.92 10.70
C LEU B 296 7.74 22.10 9.41
N LEU B 297 7.34 20.84 9.51
CA LEU B 297 7.33 19.93 8.37
C LEU B 297 5.93 19.90 7.79
N ALA B 298 5.81 20.29 6.52
CA ALA B 298 4.53 20.38 5.85
C ALA B 298 4.51 19.47 4.63
N GLY B 299 3.45 18.68 4.50
CA GLY B 299 3.22 17.90 3.31
C GLY B 299 2.38 18.68 2.30
N TYR B 300 2.76 18.58 1.03
CA TYR B 300 2.18 19.39 -0.02
C TYR B 300 1.59 18.50 -1.09
N ASP B 301 0.65 19.07 -1.85
CA ASP B 301 -0.01 18.35 -2.93
C ASP B 301 0.87 18.21 -4.18
N ASP B 302 2.01 18.89 -4.21
CA ASP B 302 2.95 18.80 -5.33
C ASP B 302 3.95 17.66 -5.17
N PHE B 303 3.61 16.65 -4.37
CA PHE B 303 4.33 15.38 -4.24
C PHE B 303 5.56 15.44 -3.36
N ASN B 304 5.79 16.52 -2.62
CA ASN B 304 6.98 16.61 -1.79
C ASN B 304 6.69 17.40 -0.53
N CYS B 305 7.52 17.17 0.49
CA CYS B 305 7.38 17.80 1.80
C CYS B 305 8.46 18.86 1.97
N ASN B 306 8.04 20.04 2.42
CA ASN B 306 8.94 21.16 2.65
C ASN B 306 9.19 21.32 4.13
N VAL B 307 10.46 21.43 4.51
CA VAL B 307 10.86 21.66 5.89
C VAL B 307 11.06 23.16 6.06
N TRP B 308 10.39 23.73 7.06
CA TRP B 308 10.37 25.18 7.27
C TRP B 308 11.08 25.53 8.57
N ASP B 309 11.94 26.54 8.50
CA ASP B 309 12.48 27.15 9.72
C ASP B 309 11.35 27.89 10.42
N ALA B 310 10.85 27.30 11.51
CA ALA B 310 9.61 27.77 12.13
C ALA B 310 9.74 29.14 12.77
N LEU B 311 10.95 29.60 13.07
CA LEU B 311 11.16 30.90 13.68
C LEU B 311 11.47 31.99 12.69
N LYS B 312 12.06 31.65 11.54
CA LYS B 312 12.43 32.63 10.53
C LYS B 312 11.61 32.49 9.25
N ALA B 313 10.66 31.55 9.20
CA ALA B 313 9.78 31.37 8.05
C ALA B 313 10.59 31.17 6.77
N ASP B 314 11.64 30.36 6.87
CA ASP B 314 12.50 30.02 5.75
C ASP B 314 12.35 28.53 5.45
N ARG B 315 12.34 28.18 4.17
CA ARG B 315 12.34 26.77 3.79
C ARG B 315 13.76 26.24 3.94
N ALA B 316 13.95 25.34 4.90
CA ALA B 316 15.30 24.87 5.22
C ALA B 316 15.65 23.61 4.43
N GLY B 317 14.64 22.90 3.92
CA GLY B 317 14.92 21.68 3.19
C GLY B 317 13.69 21.19 2.46
N VAL B 318 13.88 20.09 1.74
CA VAL B 318 12.81 19.48 0.94
C VAL B 318 12.97 17.97 1.01
N LEU B 319 11.89 17.27 1.32
CA LEU B 319 11.86 15.81 1.29
C LEU B 319 11.14 15.40 0.01
N ALA B 320 11.88 15.33 -1.09
CA ALA B 320 11.34 14.99 -2.41
C ALA B 320 11.65 13.53 -2.72
N GLY B 321 10.74 12.65 -2.33
CA GLY B 321 10.89 11.23 -2.56
C GLY B 321 9.62 10.48 -2.91
N HIS B 322 8.50 11.16 -3.09
CA HIS B 322 7.23 10.52 -3.37
C HIS B 322 6.77 10.83 -4.79
N ASP B 323 6.13 9.83 -5.41
CA ASP B 323 5.63 9.94 -6.76
C ASP B 323 4.28 10.63 -6.86
N ASN B 324 3.49 10.60 -5.80
CA ASN B 324 2.21 11.31 -5.71
C ASN B 324 2.23 12.21 -4.48
N ARG B 325 1.10 12.85 -4.20
CA ARG B 325 1.05 13.82 -3.12
C ARG B 325 1.24 13.14 -1.77
N VAL B 326 1.85 13.87 -0.85
CA VAL B 326 2.09 13.36 0.50
C VAL B 326 0.85 13.62 1.34
N SER B 327 0.23 12.55 1.82
CA SER B 327 -1.03 12.65 2.54
C SER B 327 -0.85 12.86 4.04
N CYS B 328 0.21 12.34 4.63
CA CYS B 328 0.36 12.33 6.07
C CYS B 328 1.83 12.56 6.42
N LEU B 329 2.07 12.98 7.66
CA LEU B 329 3.38 13.45 8.06
C LEU B 329 3.46 13.42 9.57
N GLY B 330 4.45 12.73 10.12
CA GLY B 330 4.60 12.64 11.57
C GLY B 330 6.05 12.62 12.02
N VAL B 331 6.29 13.06 13.25
CA VAL B 331 7.61 13.04 13.86
C VAL B 331 7.54 12.22 15.14
N THR B 332 8.58 11.44 15.41
CA THR B 332 8.62 10.62 16.61
C THR B 332 8.71 11.50 17.84
N ASP B 333 8.29 10.93 18.98
CA ASP B 333 8.32 11.66 20.24
C ASP B 333 9.73 11.96 20.72
N ASP B 334 10.75 11.33 20.14
CA ASP B 334 12.13 11.64 20.44
C ASP B 334 12.77 12.51 19.37
N GLY B 335 12.07 12.79 18.28
CA GLY B 335 12.61 13.61 17.22
C GLY B 335 13.62 12.92 16.33
N MET B 336 13.72 11.59 16.40
CA MET B 336 14.76 10.88 15.66
C MET B 336 14.44 10.79 14.17
N ALA B 337 13.17 10.62 13.82
CA ALA B 337 12.80 10.33 12.45
C ALA B 337 11.54 11.10 12.07
N VAL B 338 11.31 11.19 10.76
CA VAL B 338 10.09 11.73 10.18
C VAL B 338 9.53 10.71 9.22
N ALA B 339 8.23 10.46 9.29
CA ALA B 339 7.54 9.56 8.38
C ALA B 339 6.60 10.34 7.49
N THR B 340 6.58 9.98 6.21
CA THR B 340 5.67 10.60 5.25
C THR B 340 4.97 9.51 4.47
N GLY B 341 3.64 9.59 4.40
CA GLY B 341 2.87 8.74 3.53
C GLY B 341 2.45 9.49 2.29
N SER B 342 1.91 8.78 1.29
CA SER B 342 1.56 9.42 0.04
C SER B 342 0.57 8.55 -0.72
N TRP B 343 -0.04 9.14 -1.76
CA TRP B 343 -0.92 8.40 -2.63
C TRP B 343 -0.18 7.41 -3.52
N ASP B 344 1.16 7.46 -3.54
CA ASP B 344 1.93 6.46 -4.25
C ASP B 344 2.07 5.15 -3.47
N SER B 345 1.40 5.02 -2.32
CA SER B 345 1.30 3.77 -1.59
C SER B 345 2.54 3.45 -0.75
N PHE B 346 3.43 4.43 -0.56
CA PHE B 346 4.67 4.20 0.15
C PHE B 346 4.81 5.17 1.32
N LEU B 347 5.29 4.63 2.44
CA LEU B 347 5.73 5.43 3.57
C LEU B 347 7.26 5.41 3.61
N LYS B 348 7.84 6.56 3.91
CA LYS B 348 9.29 6.71 3.93
C LYS B 348 9.71 7.40 5.22
N ILE B 349 10.77 6.90 5.83
CA ILE B 349 11.32 7.45 7.06
C ILE B 349 12.57 8.24 6.71
N TRP B 350 12.65 9.48 7.21
CA TRP B 350 13.70 10.40 6.86
C TRP B 350 14.50 10.74 8.11
N ASN B 351 15.78 11.05 7.91
CA ASN B 351 16.68 11.36 9.02
C ASN B 351 17.82 12.25 8.56
N VAL C 2 -7.99 -19.47 26.43
CA VAL C 2 -6.84 -20.18 25.80
C VAL C 2 -6.64 -21.52 26.48
N GLN C 3 -6.35 -22.55 25.68
CA GLN C 3 -6.23 -23.91 26.21
C GLN C 3 -5.44 -24.76 25.22
N LEU C 4 -4.29 -25.27 25.65
CA LEU C 4 -3.57 -26.30 24.91
C LEU C 4 -3.64 -27.61 25.71
N VAL C 5 -4.24 -28.64 25.12
CA VAL C 5 -4.36 -29.94 25.76
C VAL C 5 -3.71 -30.97 24.86
N GLU C 6 -2.77 -31.74 25.42
CA GLU C 6 -2.04 -32.75 24.67
C GLU C 6 -2.54 -34.15 25.00
N SER C 7 -2.16 -35.10 24.15
CA SER C 7 -2.45 -36.50 24.37
C SER C 7 -1.47 -37.33 23.55
N GLY C 8 -1.41 -38.62 23.85
CA GLY C 8 -0.56 -39.54 23.11
C GLY C 8 0.54 -40.16 23.94
N GLY C 9 0.63 -39.77 25.21
CA GLY C 9 1.63 -40.32 26.09
C GLY C 9 1.24 -41.67 26.65
N GLY C 10 2.17 -42.27 27.37
CA GLY C 10 1.95 -43.58 27.96
C GLY C 10 3.24 -44.37 28.01
N LEU C 11 3.09 -45.66 28.28
CA LEU C 11 4.22 -46.57 28.37
C LEU C 11 4.42 -47.30 27.06
N VAL C 12 5.66 -47.30 26.57
CA VAL C 12 6.02 -47.94 25.31
C VAL C 12 7.30 -48.74 25.51
N GLN C 13 7.47 -49.79 24.69
CA GLN C 13 8.69 -50.58 24.76
C GLN C 13 9.78 -49.98 23.86
N PRO C 14 11.05 -50.19 24.19
CA PRO C 14 12.12 -49.59 23.39
C PRO C 14 12.06 -50.02 21.94
N GLY C 15 12.48 -49.11 21.07
CA GLY C 15 12.47 -49.34 19.64
C GLY C 15 11.17 -49.02 18.95
N GLY C 16 10.14 -48.62 19.69
CA GLY C 16 8.86 -48.30 19.12
C GLY C 16 8.79 -46.87 18.63
N SER C 17 7.57 -46.45 18.33
CA SER C 17 7.31 -45.10 17.85
C SER C 17 5.95 -44.65 18.38
N ARG C 18 5.85 -43.37 18.70
CA ARG C 18 4.61 -42.79 19.22
C ARG C 18 4.37 -41.43 18.58
N LYS C 19 3.12 -40.99 18.64
CA LYS C 19 2.70 -39.70 18.12
C LYS C 19 1.94 -38.94 19.18
N LEU C 20 2.48 -37.81 19.61
CA LEU C 20 1.82 -36.93 20.57
C LEU C 20 1.06 -35.85 19.81
N SER C 21 -0.08 -35.44 20.36
CA SER C 21 -0.92 -34.42 19.77
C SER C 21 -1.10 -33.28 20.77
N CYS C 22 -1.41 -32.10 20.23
CA CYS C 22 -1.64 -30.90 21.04
C CYS C 22 -2.75 -30.09 20.36
N SER C 23 -3.98 -30.28 20.83
CA SER C 23 -5.12 -29.56 20.26
C SER C 23 -5.28 -28.21 20.97
N ALA C 24 -5.34 -27.14 20.18
CA ALA C 24 -5.52 -25.79 20.69
C ALA C 24 -7.00 -25.43 20.75
N SER C 25 -7.33 -24.54 21.68
CA SER C 25 -8.71 -24.08 21.85
C SER C 25 -8.68 -22.64 22.37
N GLY C 26 -9.29 -21.73 21.62
CA GLY C 26 -9.54 -20.40 22.13
C GLY C 26 -8.51 -19.35 21.79
N PHE C 27 -7.72 -19.57 20.73
CA PHE C 27 -6.77 -18.55 20.29
C PHE C 27 -6.38 -18.84 18.84
N ALA C 28 -5.76 -17.84 18.22
CA ALA C 28 -5.42 -17.89 16.79
C ALA C 28 -4.24 -18.83 16.58
N PHE C 29 -4.53 -20.13 16.59
CA PHE C 29 -3.48 -21.14 16.52
C PHE C 29 -2.57 -20.96 15.31
N SER C 30 -3.15 -20.65 14.14
CA SER C 30 -2.37 -20.54 12.92
C SER C 30 -1.34 -19.41 12.97
N SER C 31 -1.45 -18.49 13.92
CA SER C 31 -0.55 -17.34 14.01
C SER C 31 0.54 -17.55 15.06
N PHE C 32 0.71 -18.76 15.56
CA PHE C 32 1.61 -19.04 16.67
C PHE C 32 2.61 -20.12 16.28
N GLY C 33 3.87 -19.90 16.64
CA GLY C 33 4.86 -20.96 16.55
C GLY C 33 4.82 -21.83 17.78
N MET C 34 4.88 -23.15 17.55
CA MET C 34 4.70 -24.12 18.62
C MET C 34 6.01 -24.81 18.92
N HIS C 35 6.27 -25.04 20.21
CA HIS C 35 7.43 -25.78 20.68
C HIS C 35 6.97 -27.04 21.39
N TRP C 36 7.85 -28.03 21.42
CA TRP C 36 7.72 -29.18 22.30
C TRP C 36 8.84 -29.09 23.32
N VAL C 37 8.47 -29.07 24.60
CA VAL C 37 9.42 -29.00 25.70
C VAL C 37 9.14 -30.18 26.63
N ARG C 38 10.19 -30.88 27.02
CA ARG C 38 10.06 -32.04 27.87
C ARG C 38 10.82 -31.82 29.17
N GLN C 39 10.48 -32.64 30.16
CA GLN C 39 11.08 -32.55 31.49
C GLN C 39 11.13 -33.94 32.08
N ALA C 40 12.32 -34.53 32.09
CA ALA C 40 12.47 -35.88 32.60
C ALA C 40 12.11 -35.91 34.09
N PRO C 41 11.71 -37.08 34.60
CA PRO C 41 11.30 -37.15 36.01
C PRO C 41 12.34 -36.53 36.93
N GLU C 42 11.92 -35.49 37.65
CA GLU C 42 12.73 -34.83 38.68
C GLU C 42 14.14 -34.53 38.19
N LYS C 43 14.27 -34.06 36.95
CA LYS C 43 15.56 -33.64 36.42
C LYS C 43 15.57 -32.17 36.01
N GLY C 44 14.64 -31.73 35.16
CA GLY C 44 14.61 -30.36 34.72
C GLY C 44 14.03 -30.26 33.33
N LEU C 45 13.98 -29.02 32.83
CA LEU C 45 13.35 -28.75 31.54
C LEU C 45 14.34 -28.97 30.39
N GLU C 46 13.80 -29.33 29.23
CA GLU C 46 14.62 -29.66 28.07
C GLU C 46 13.80 -29.40 26.81
N TRP C 47 14.21 -28.43 26.01
CA TRP C 47 13.49 -28.11 24.79
C TRP C 47 13.71 -29.19 23.74
N VAL C 48 12.64 -29.55 23.03
CA VAL C 48 12.65 -30.68 22.10
C VAL C 48 12.71 -30.21 20.64
N ALA C 49 11.81 -29.31 20.26
CA ALA C 49 11.73 -28.91 18.85
C ALA C 49 10.82 -27.70 18.72
N TYR C 50 10.66 -27.25 17.47
CA TYR C 50 9.94 -26.03 17.15
C TYR C 50 9.45 -26.07 15.71
N ILE C 51 8.25 -25.55 15.48
CA ILE C 51 7.69 -25.39 14.15
C ILE C 51 7.12 -23.99 14.03
N SER C 52 7.51 -23.27 12.98
CA SER C 52 7.12 -21.88 12.81
C SER C 52 5.64 -21.77 12.46
N SER C 53 5.13 -20.54 12.54
CA SER C 53 3.77 -20.28 12.09
C SER C 53 3.73 -20.34 10.56
N GLY C 54 2.87 -21.20 10.04
CA GLY C 54 2.85 -21.49 8.63
C GLY C 54 3.70 -22.67 8.21
N SER C 55 4.37 -23.33 9.15
CA SER C 55 5.20 -24.51 8.88
C SER C 55 6.45 -24.17 8.07
N GLY C 56 6.85 -22.90 8.06
CA GLY C 56 8.02 -22.50 7.31
C GLY C 56 9.32 -23.04 7.88
N THR C 57 9.59 -22.76 9.15
CA THR C 57 10.79 -23.23 9.82
C THR C 57 10.47 -24.38 10.76
N ILE C 58 11.41 -25.32 10.88
CA ILE C 58 11.34 -26.39 11.86
C ILE C 58 12.72 -26.55 12.47
N TYR C 59 12.78 -26.75 13.78
CA TYR C 59 14.03 -26.94 14.50
C TYR C 59 13.91 -28.16 15.40
N TYR C 60 15.05 -28.79 15.69
CA TYR C 60 15.13 -29.91 16.61
C TYR C 60 16.33 -29.73 17.52
N ALA C 61 16.33 -30.46 18.63
CA ALA C 61 17.51 -30.61 19.46
C ALA C 61 18.24 -31.86 19.01
N ASP C 62 19.58 -31.78 18.94
CA ASP C 62 20.34 -32.90 18.37
C ASP C 62 20.12 -34.18 19.16
N THR C 63 19.68 -34.08 20.41
CA THR C 63 19.42 -35.27 21.20
C THR C 63 18.34 -36.13 20.57
N VAL C 64 17.46 -35.53 19.75
CA VAL C 64 16.35 -36.24 19.15
C VAL C 64 16.23 -35.99 17.65
N LYS C 65 17.12 -35.19 17.07
CA LYS C 65 17.01 -34.88 15.65
C LYS C 65 17.22 -36.13 14.81
N GLY C 66 16.38 -36.29 13.79
CA GLY C 66 16.43 -37.43 12.90
C GLY C 66 15.44 -38.52 13.25
N ARG C 67 14.95 -38.56 14.48
CA ARG C 67 13.95 -39.54 14.90
C ARG C 67 12.58 -38.93 15.11
N PHE C 68 12.51 -37.69 15.57
CA PHE C 68 11.25 -36.98 15.77
C PHE C 68 10.91 -36.19 14.51
N THR C 69 9.71 -35.61 14.50
CA THR C 69 9.32 -34.63 13.49
C THR C 69 8.15 -33.82 14.01
N ILE C 70 8.23 -32.51 13.83
CA ILE C 70 7.19 -31.59 14.25
C ILE C 70 6.32 -31.27 13.05
N SER C 71 5.05 -31.65 13.13
CA SER C 71 4.10 -31.41 12.06
C SER C 71 2.94 -30.59 12.61
N ARG C 72 2.21 -29.92 11.72
CA ARG C 72 1.19 -28.98 12.10
C ARG C 72 -0.03 -29.13 11.20
N ASP C 73 -1.21 -28.96 11.78
CA ASP C 73 -2.48 -29.02 11.04
C ASP C 73 -3.31 -27.80 11.43
N ASP C 74 -3.07 -26.68 10.75
CA ASP C 74 -3.71 -25.42 11.11
C ASP C 74 -5.23 -25.48 11.02
N PRO C 75 -5.83 -26.02 9.95
CA PRO C 75 -7.31 -26.06 9.90
C PRO C 75 -7.94 -26.76 11.09
N LYS C 76 -7.32 -27.82 11.59
CA LYS C 76 -7.83 -28.55 12.75
C LYS C 76 -7.29 -28.04 14.07
N ASN C 77 -6.33 -27.11 14.04
CA ASN C 77 -5.73 -26.55 15.25
C ASN C 77 -5.10 -27.63 16.10
N THR C 78 -4.21 -28.42 15.48
CA THR C 78 -3.51 -29.51 16.16
C THR C 78 -2.03 -29.46 15.83
N LEU C 79 -1.21 -29.83 16.82
CA LEU C 79 0.24 -29.92 16.67
C LEU C 79 0.67 -31.32 17.09
N PHE C 80 1.50 -31.96 16.27
CA PHE C 80 1.88 -33.34 16.50
C PHE C 80 3.37 -33.46 16.75
N LEU C 81 3.75 -34.56 17.39
CA LEU C 81 5.14 -34.97 17.56
C LEU C 81 5.19 -36.46 17.28
N GLN C 82 5.66 -36.83 16.09
CA GLN C 82 5.85 -38.24 15.72
C GLN C 82 7.26 -38.64 16.15
N MET C 83 7.35 -39.59 17.07
CA MET C 83 8.61 -40.01 17.65
C MET C 83 8.89 -41.46 17.28
N THR C 84 10.15 -41.75 16.99
CA THR C 84 10.58 -43.09 16.61
C THR C 84 11.89 -43.42 17.31
N SER C 85 12.12 -44.72 17.50
CA SER C 85 13.31 -45.22 18.17
C SER C 85 13.42 -44.63 19.58
N LEU C 86 12.42 -44.99 20.39
CA LEU C 86 12.28 -44.44 21.72
C LEU C 86 13.21 -45.17 22.70
N ARG C 87 14.26 -44.48 23.14
CA ARG C 87 15.20 -45.03 24.09
C ARG C 87 14.64 -44.85 25.51
N SER C 88 15.44 -45.20 26.52
CA SER C 88 15.03 -44.94 27.90
C SER C 88 15.15 -43.47 28.24
N GLU C 89 16.12 -42.77 27.63
CA GLU C 89 16.30 -41.34 27.87
C GLU C 89 15.13 -40.51 27.37
N ASP C 90 14.24 -41.10 26.57
CA ASP C 90 13.08 -40.38 26.06
C ASP C 90 11.94 -40.34 27.07
N THR C 91 12.06 -41.00 28.21
CA THR C 91 11.07 -40.88 29.26
C THR C 91 11.03 -39.46 29.78
N ALA C 92 9.85 -38.84 29.71
CA ALA C 92 9.71 -37.45 30.11
C ALA C 92 8.25 -37.00 29.99
N MET C 93 7.95 -35.84 30.56
CA MET C 93 6.66 -35.18 30.37
C MET C 93 6.83 -34.11 29.31
N TYR C 94 6.28 -34.36 28.12
CA TYR C 94 6.40 -33.44 27.00
C TYR C 94 5.30 -32.40 27.08
N TYR C 95 5.67 -31.13 26.88
CA TYR C 95 4.74 -30.01 26.98
C TYR C 95 4.59 -29.34 25.62
N CYS C 96 3.37 -28.89 25.35
CA CYS C 96 3.06 -28.08 24.18
C CYS C 96 3.08 -26.62 24.62
N VAL C 97 3.95 -25.83 23.98
CA VAL C 97 4.13 -24.43 24.32
C VAL C 97 3.92 -23.59 23.06
N ARG C 98 3.09 -22.56 23.17
CA ARG C 98 2.79 -21.67 22.07
C ARG C 98 3.67 -20.44 22.12
N SER C 99 4.15 -20.01 20.95
CA SER C 99 5.06 -18.87 20.85
C SER C 99 4.65 -18.03 19.67
N ILE C 100 4.73 -16.71 19.83
CA ILE C 100 4.44 -15.77 18.76
C ILE C 100 5.53 -14.69 18.77
N TYR C 101 6.06 -14.39 17.60
CA TYR C 101 7.25 -13.54 17.47
C TYR C 101 6.94 -12.34 16.59
N TYR C 102 6.60 -11.23 17.22
CA TYR C 102 6.64 -9.92 16.59
C TYR C 102 7.23 -8.97 17.63
N TYR C 103 7.47 -7.72 17.23
CA TYR C 103 8.08 -6.78 18.15
C TYR C 103 7.19 -6.63 19.38
N GLY C 104 7.75 -6.86 20.56
CA GLY C 104 7.04 -6.66 21.81
C GLY C 104 6.24 -7.84 22.30
N SER C 105 6.23 -8.96 21.59
CA SER C 105 5.44 -10.11 21.99
C SER C 105 6.09 -10.83 23.18
N SER C 106 5.33 -11.75 23.76
CA SER C 106 5.80 -12.63 24.84
C SER C 106 5.74 -14.05 24.29
N PRO C 107 6.87 -14.62 23.85
CA PRO C 107 6.80 -15.83 23.03
C PRO C 107 6.76 -17.16 23.78
N PHE C 108 6.59 -17.17 25.09
CA PHE C 108 6.49 -18.43 25.83
C PHE C 108 5.39 -18.31 26.88
N ASP C 109 4.30 -17.63 26.50
CA ASP C 109 3.34 -17.14 27.50
C ASP C 109 2.47 -18.27 28.05
N PHE C 110 2.04 -19.19 27.19
CA PHE C 110 1.13 -20.25 27.59
C PHE C 110 1.74 -21.62 27.33
N TRP C 111 1.65 -22.51 28.31
CA TRP C 111 2.07 -23.89 28.21
C TRP C 111 0.87 -24.80 28.36
N GLY C 112 0.87 -25.91 27.65
CA GLY C 112 -0.14 -26.92 27.84
C GLY C 112 -0.04 -27.58 29.19
N GLN C 113 -0.77 -28.68 29.35
CA GLN C 113 -0.76 -29.42 30.60
C GLN C 113 0.27 -30.54 30.62
N GLY C 114 0.86 -30.87 29.48
CA GLY C 114 1.85 -31.92 29.40
C GLY C 114 1.23 -33.31 29.29
N THR C 115 2.02 -34.23 28.74
CA THR C 115 1.62 -35.62 28.62
C THR C 115 2.82 -36.51 28.92
N THR C 116 2.61 -37.50 29.79
CA THR C 116 3.69 -38.34 30.27
C THR C 116 4.01 -39.44 29.26
N LEU C 117 5.28 -39.54 28.89
CA LEU C 117 5.77 -40.62 28.04
C LEU C 117 6.83 -41.39 28.81
N THR C 118 6.68 -42.71 28.87
CA THR C 118 7.60 -43.57 29.61
C THR C 118 8.07 -44.69 28.69
N VAL C 119 9.38 -44.93 28.67
CA VAL C 119 9.98 -46.00 27.89
C VAL C 119 10.61 -46.98 28.86
N SER C 120 10.23 -48.25 28.75
CA SER C 120 10.75 -49.27 29.66
C SER C 120 12.22 -49.53 29.38
N SER C 121 12.89 -50.12 30.37
CA SER C 121 14.31 -50.44 30.24
C SER C 121 14.49 -51.84 29.67
N SER C 136 29.71 -24.56 21.56
CA SER C 136 28.56 -24.69 20.67
C SER C 136 27.29 -24.21 21.38
N ASP C 137 26.55 -25.15 21.97
CA ASP C 137 25.34 -24.79 22.69
C ASP C 137 25.68 -23.94 23.91
N ILE C 138 24.80 -23.00 24.22
CA ILE C 138 24.98 -22.14 25.38
C ILE C 138 24.62 -22.92 26.63
N VAL C 139 25.54 -22.97 27.58
CA VAL C 139 25.34 -23.67 28.85
C VAL C 139 24.77 -22.67 29.84
N MET C 140 23.64 -23.02 30.45
CA MET C 140 22.97 -22.18 31.44
C MET C 140 22.97 -22.91 32.77
N THR C 141 23.59 -22.30 33.78
CA THR C 141 23.79 -22.92 35.08
C THR C 141 23.11 -22.09 36.15
N GLN C 142 22.31 -22.75 36.99
CA GLN C 142 21.70 -22.12 38.15
C GLN C 142 22.50 -22.47 39.39
N ALA C 143 22.91 -21.45 40.14
CA ALA C 143 23.89 -21.63 41.20
C ALA C 143 23.47 -22.70 42.20
N THR C 144 22.21 -22.71 42.64
CA THR C 144 21.78 -23.58 43.72
C THR C 144 20.68 -24.50 43.21
N SER C 145 20.16 -25.33 44.10
CA SER C 145 19.03 -26.21 43.81
C SER C 145 17.94 -26.16 44.86
N SER C 146 18.16 -25.48 45.98
CA SER C 146 17.12 -25.34 47.01
C SER C 146 17.46 -24.12 47.85
N VAL C 147 16.44 -23.33 48.19
CA VAL C 147 16.62 -22.09 48.93
C VAL C 147 15.51 -22.00 49.99
N PRO C 148 15.78 -22.32 51.26
CA PRO C 148 14.75 -22.19 52.29
C PRO C 148 14.48 -20.73 52.65
N VAL C 149 13.19 -20.41 52.78
CA VAL C 149 12.76 -19.06 53.11
C VAL C 149 11.35 -19.13 53.67
N THR C 150 10.94 -18.08 54.37
CA THR C 150 9.61 -17.94 54.92
C THR C 150 8.84 -16.83 54.23
N PRO C 151 7.50 -16.86 54.25
CA PRO C 151 6.73 -15.82 53.57
C PRO C 151 7.04 -14.44 54.11
N GLY C 152 6.97 -13.46 53.21
CA GLY C 152 7.23 -12.08 53.56
C GLY C 152 8.67 -11.65 53.43
N GLU C 153 9.58 -12.56 53.12
CA GLU C 153 11.00 -12.25 52.97
C GLU C 153 11.35 -12.17 51.49
N SER C 154 12.14 -11.17 51.12
CA SER C 154 12.57 -11.02 49.74
C SER C 154 13.62 -12.07 49.41
N VAL C 155 13.46 -12.71 48.25
CA VAL C 155 14.36 -13.75 47.80
C VAL C 155 14.98 -13.33 46.48
N SER C 156 16.16 -13.87 46.18
CA SER C 156 16.86 -13.62 44.93
C SER C 156 17.35 -14.94 44.35
N ILE C 157 16.98 -15.20 43.10
CA ILE C 157 17.47 -16.35 42.35
C ILE C 157 18.38 -15.83 41.25
N SER C 158 19.35 -16.65 40.85
CA SER C 158 20.33 -16.24 39.85
C SER C 158 20.77 -17.44 39.03
N CYS C 159 21.14 -17.16 37.78
CA CYS C 159 21.68 -18.17 36.89
C CYS C 159 22.68 -17.52 35.95
N ARG C 160 23.51 -18.34 35.32
CA ARG C 160 24.61 -17.88 34.48
C ARG C 160 24.48 -18.48 33.09
N SER C 161 25.16 -17.85 32.13
CA SER C 161 25.25 -18.33 30.76
C SER C 161 26.72 -18.41 30.34
N SER C 162 26.97 -19.18 29.28
CA SER C 162 28.32 -19.21 28.71
C SER C 162 28.58 -17.99 27.85
N LYS C 163 27.78 -17.81 26.80
CA LYS C 163 27.82 -16.60 26.00
C LYS C 163 27.10 -15.48 26.73
N SER C 164 27.15 -14.28 26.15
CA SER C 164 26.27 -13.20 26.57
C SER C 164 24.95 -13.33 25.82
N LEU C 165 23.84 -13.20 26.55
CA LEU C 165 22.53 -13.21 25.92
C LEU C 165 22.15 -11.86 25.36
N LEU C 166 22.95 -10.82 25.59
CA LEU C 166 22.67 -9.48 25.08
C LEU C 166 23.03 -9.42 23.61
N HIS C 167 22.05 -9.04 22.79
CA HIS C 167 22.24 -8.92 21.35
C HIS C 167 22.59 -7.48 20.98
N SER C 168 22.99 -7.28 19.73
CA SER C 168 23.17 -5.93 19.20
C SER C 168 21.86 -5.14 19.17
N ASN C 169 20.72 -5.85 19.14
CA ASN C 169 19.43 -5.17 19.23
C ASN C 169 19.30 -4.37 20.51
N GLY C 170 20.04 -4.75 21.55
CA GLY C 170 19.78 -4.29 22.90
C GLY C 170 18.89 -5.24 23.68
N ASN C 171 18.46 -6.34 23.06
CA ASN C 171 17.63 -7.32 23.74
C ASN C 171 18.52 -8.37 24.40
N THR C 172 18.17 -8.74 25.63
CA THR C 172 18.79 -9.86 26.33
C THR C 172 17.77 -10.98 26.40
N TYR C 173 18.03 -12.06 25.66
CA TYR C 173 17.06 -13.15 25.50
C TYR C 173 17.20 -14.15 26.65
N LEU C 174 16.68 -13.74 27.81
CA LEU C 174 16.61 -14.60 28.97
C LEU C 174 15.17 -14.63 29.48
N TYR C 175 14.68 -15.83 29.77
CA TYR C 175 13.30 -16.02 30.20
C TYR C 175 13.29 -16.76 31.53
N TRP C 176 12.35 -16.39 32.39
CA TRP C 176 12.16 -17.02 33.68
C TRP C 176 10.80 -17.71 33.72
N PHE C 177 10.79 -18.96 34.18
CA PHE C 177 9.57 -19.74 34.30
C PHE C 177 9.40 -20.18 35.74
N LEU C 178 8.22 -20.67 36.06
CA LEU C 178 7.90 -21.16 37.39
C LEU C 178 6.94 -22.32 37.27
N GLN C 179 7.37 -23.49 37.74
CA GLN C 179 6.56 -24.70 37.71
C GLN C 179 6.18 -25.06 39.15
N ARG C 180 4.99 -24.64 39.57
CA ARG C 180 4.53 -24.94 40.91
C ARG C 180 4.28 -26.44 41.04
N PRO C 181 4.33 -26.96 42.26
CA PRO C 181 4.20 -28.41 42.46
C PRO C 181 2.96 -28.97 41.78
N GLY C 182 3.17 -29.91 40.86
CA GLY C 182 2.08 -30.61 40.20
C GLY C 182 1.50 -29.90 39.00
N GLN C 183 1.99 -28.72 38.66
CA GLN C 183 1.47 -27.92 37.56
C GLN C 183 2.51 -27.83 36.45
N SER C 184 2.08 -27.27 35.32
CA SER C 184 2.95 -27.00 34.18
C SER C 184 3.65 -25.67 34.36
N PRO C 185 4.76 -25.45 33.66
CA PRO C 185 5.49 -24.19 33.81
C PRO C 185 4.64 -22.98 33.41
N GLN C 186 4.94 -21.85 34.04
CA GLN C 186 4.26 -20.59 33.76
C GLN C 186 5.32 -19.53 33.58
N LEU C 187 5.17 -18.70 32.55
CA LEU C 187 6.15 -17.67 32.27
C LEU C 187 6.01 -16.51 33.26
N LEU C 188 7.14 -16.01 33.73
CA LEU C 188 7.19 -14.85 34.61
C LEU C 188 7.88 -13.65 33.99
N ILE C 189 9.06 -13.85 33.40
CA ILE C 189 9.85 -12.78 32.80
C ILE C 189 10.27 -13.22 31.41
N TYR C 190 10.12 -12.33 30.43
CA TYR C 190 10.63 -12.57 29.08
C TYR C 190 11.60 -11.47 28.71
N ARG C 191 12.73 -11.87 28.12
CA ARG C 191 13.83 -10.97 27.78
C ARG C 191 14.33 -10.20 29.02
N MET C 192 14.37 -10.90 30.16
CA MET C 192 15.18 -10.51 31.31
C MET C 192 14.68 -9.34 32.13
N SER C 193 13.70 -8.58 31.64
CA SER C 193 13.21 -7.43 32.41
C SER C 193 11.72 -7.17 32.24
N ASN C 194 11.00 -8.02 31.49
CA ASN C 194 9.61 -7.76 31.15
C ASN C 194 8.72 -8.77 31.87
N LEU C 195 7.78 -8.27 32.66
CA LEU C 195 6.84 -9.12 33.38
C LEU C 195 5.78 -9.66 32.44
N ALA C 196 5.47 -10.94 32.58
CA ALA C 196 4.48 -11.61 31.75
C ALA C 196 3.10 -11.04 32.06
N SER C 197 2.08 -11.53 31.36
CA SER C 197 0.70 -11.08 31.54
C SER C 197 0.05 -11.94 32.62
N GLY C 198 -0.60 -11.28 33.57
CA GLY C 198 -1.30 -11.98 34.63
C GLY C 198 -0.44 -12.46 35.78
N VAL C 199 0.76 -11.92 35.94
CA VAL C 199 1.64 -12.29 37.05
C VAL C 199 1.76 -11.09 37.98
N PRO C 200 1.81 -11.30 39.30
CA PRO C 200 1.90 -10.15 40.21
C PRO C 200 3.17 -9.36 39.96
N ASP C 201 3.10 -8.06 40.22
CA ASP C 201 4.20 -7.14 39.94
C ASP C 201 5.29 -7.18 41.02
N ARG C 202 5.25 -8.17 41.92
CA ARG C 202 6.33 -8.32 42.90
C ARG C 202 7.56 -9.00 42.32
N PHE C 203 7.38 -9.79 41.26
CA PHE C 203 8.52 -10.39 40.58
C PHE C 203 9.29 -9.33 39.79
N SER C 204 10.59 -9.57 39.63
CA SER C 204 11.44 -8.66 38.86
C SER C 204 12.62 -9.44 38.31
N GLY C 205 13.15 -8.96 37.20
CA GLY C 205 14.30 -9.59 36.57
C GLY C 205 15.33 -8.58 36.16
N SER C 206 16.60 -8.94 36.33
CA SER C 206 17.71 -8.05 35.99
C SER C 206 18.94 -8.89 35.69
N GLY C 207 19.88 -8.29 34.97
CA GLY C 207 21.10 -8.97 34.60
C GLY C 207 22.08 -8.01 33.97
N SER C 208 23.18 -8.58 33.47
CA SER C 208 24.23 -7.78 32.86
C SER C 208 24.61 -8.31 31.47
N GLY C 209 24.18 -9.53 31.16
CA GLY C 209 24.47 -10.13 29.87
C GLY C 209 24.88 -11.57 30.00
N THR C 210 25.59 -11.90 31.08
CA THR C 210 25.93 -13.27 31.42
C THR C 210 25.51 -13.65 32.84
N ALA C 211 25.37 -12.69 33.75
CA ALA C 211 24.91 -12.94 35.10
C ALA C 211 23.52 -12.34 35.26
N PHE C 212 22.55 -13.18 35.60
CA PHE C 212 21.16 -12.76 35.69
C PHE C 212 20.61 -13.14 37.06
N THR C 213 19.52 -12.48 37.44
CA THR C 213 18.90 -12.73 38.72
C THR C 213 17.41 -12.46 38.63
N LEU C 214 16.66 -13.08 39.54
CA LEU C 214 15.22 -12.89 39.65
C LEU C 214 14.91 -12.61 41.12
N THR C 215 14.42 -11.41 41.40
CA THR C 215 14.15 -10.98 42.76
C THR C 215 12.65 -11.01 43.03
N ILE C 216 12.25 -11.66 44.12
CA ILE C 216 10.85 -11.77 44.52
C ILE C 216 10.71 -11.01 45.83
N SER C 217 9.92 -9.94 45.80
CA SER C 217 9.64 -9.14 46.99
C SER C 217 8.30 -9.56 47.58
N ARG C 218 8.23 -9.58 48.91
CA ARG C 218 7.03 -9.97 49.63
C ARG C 218 6.57 -11.36 49.19
N LEU C 219 7.45 -12.34 49.38
CA LEU C 219 7.18 -13.69 48.93
C LEU C 219 5.90 -14.22 49.56
N GLU C 220 5.08 -14.89 48.74
CA GLU C 220 3.81 -15.44 49.18
C GLU C 220 3.90 -16.96 49.24
N ALA C 221 2.85 -17.57 49.79
CA ALA C 221 2.84 -19.03 49.96
C ALA C 221 2.87 -19.74 48.61
N GLU C 222 2.13 -19.23 47.63
CA GLU C 222 2.00 -19.91 46.34
C GLU C 222 3.13 -19.58 45.38
N ASP C 223 4.15 -18.84 45.82
CA ASP C 223 5.31 -18.55 44.99
C ASP C 223 6.40 -19.61 45.11
N VAL C 224 6.08 -20.79 45.62
CA VAL C 224 7.09 -21.82 45.85
C VAL C 224 7.06 -22.82 44.70
N GLY C 225 8.25 -23.26 44.30
CA GLY C 225 8.39 -24.15 43.16
C GLY C 225 9.73 -23.95 42.49
N VAL C 226 10.02 -24.76 41.47
CA VAL C 226 11.32 -24.69 40.80
C VAL C 226 11.29 -23.56 39.78
N TYR C 227 12.25 -22.65 39.90
CA TYR C 227 12.39 -21.56 38.95
C TYR C 227 13.40 -21.94 37.87
N TYR C 228 13.05 -21.61 36.63
CA TYR C 228 13.86 -21.98 35.48
C TYR C 228 14.25 -20.73 34.72
N CYS C 229 15.49 -20.71 34.24
CA CYS C 229 15.99 -19.61 33.43
C CYS C 229 16.38 -20.17 32.06
N MET C 230 15.79 -19.61 31.01
CA MET C 230 15.96 -20.11 29.66
C MET C 230 16.49 -19.00 28.77
N GLN C 231 17.32 -19.38 27.81
CA GLN C 231 17.83 -18.46 26.80
C GLN C 231 17.13 -18.72 25.47
N HIS C 232 16.80 -17.63 24.78
CA HIS C 232 16.21 -17.70 23.45
C HIS C 232 17.09 -16.97 22.45
N LEU C 233 18.37 -16.81 22.76
CA LEU C 233 19.29 -16.11 21.87
C LEU C 233 19.59 -16.91 20.61
N GLU C 234 19.48 -18.23 20.68
CA GLU C 234 20.00 -19.11 19.65
C GLU C 234 19.49 -20.51 19.89
N TYR C 235 19.44 -21.29 18.82
CA TYR C 235 18.98 -22.67 18.93
C TYR C 235 20.16 -23.63 19.01
N PRO C 236 20.02 -24.75 19.72
CA PRO C 236 18.86 -25.22 20.47
C PRO C 236 18.61 -24.41 21.74
N LEU C 237 17.35 -24.25 22.15
CA LEU C 237 17.05 -23.53 23.38
C LEU C 237 17.43 -24.38 24.59
N THR C 238 18.11 -23.76 25.55
CA THR C 238 18.65 -24.46 26.70
C THR C 238 18.10 -23.87 27.99
N PHE C 239 17.72 -24.74 28.90
CA PHE C 239 17.21 -24.36 30.20
C PHE C 239 18.30 -24.43 31.26
N GLY C 240 18.06 -23.74 32.37
CA GLY C 240 18.93 -23.84 33.52
C GLY C 240 18.65 -25.12 34.30
N ALA C 241 19.49 -25.34 35.32
CA ALA C 241 19.33 -26.54 36.14
C ALA C 241 18.02 -26.54 36.88
N GLY C 242 17.62 -25.38 37.42
CA GLY C 242 16.38 -25.27 38.18
C GLY C 242 16.60 -24.99 39.64
N THR C 243 16.15 -23.83 40.11
CA THR C 243 16.27 -23.46 41.51
C THR C 243 14.92 -23.59 42.19
N LYS C 244 14.87 -24.34 43.28
CA LYS C 244 13.65 -24.63 44.01
C LYS C 244 13.60 -23.75 45.26
N LEU C 245 12.44 -23.14 45.50
CA LEU C 245 12.23 -22.37 46.73
C LEU C 245 11.54 -23.25 47.76
N GLU C 246 12.17 -23.40 48.92
CA GLU C 246 11.70 -24.27 49.98
C GLU C 246 11.06 -23.45 51.09
N LEU C 247 10.01 -24.00 51.70
CA LEU C 247 9.32 -23.34 52.79
C LEU C 247 8.74 -24.36 53.75
N THR D 6 -37.62 32.49 13.95
CA THR D 6 -37.22 32.42 15.39
C THR D 6 -35.97 31.57 15.55
N ALA D 7 -35.71 30.68 14.58
CA ALA D 7 -34.50 29.88 14.63
C ALA D 7 -33.27 30.70 14.26
N SER D 8 -33.38 31.55 13.24
CA SER D 8 -32.23 32.34 12.81
C SER D 8 -31.77 33.29 13.91
N ILE D 9 -32.71 33.96 14.58
CA ILE D 9 -32.32 34.87 15.65
C ILE D 9 -31.70 34.10 16.81
N ALA D 10 -32.21 32.91 17.10
CA ALA D 10 -31.63 32.10 18.17
C ALA D 10 -30.18 31.74 17.84
N GLN D 11 -29.92 31.34 16.59
CA GLN D 11 -28.55 31.04 16.19
C GLN D 11 -27.67 32.28 16.30
N ALA D 12 -28.18 33.43 15.84
CA ALA D 12 -27.44 34.67 16.01
C ALA D 12 -27.25 35.02 17.48
N ARG D 13 -28.29 34.80 18.31
CA ARG D 13 -28.17 35.07 19.73
C ARG D 13 -27.06 34.24 20.35
N LYS D 14 -26.98 32.95 19.99
CA LYS D 14 -25.90 32.10 20.49
C LYS D 14 -24.55 32.60 19.98
N LEU D 15 -24.51 33.07 18.74
CA LEU D 15 -23.25 33.55 18.17
C LEU D 15 -22.74 34.76 18.94
N VAL D 16 -23.63 35.70 19.27
CA VAL D 16 -23.21 36.91 19.96
C VAL D 16 -22.75 36.58 21.37
N GLU D 17 -23.44 35.67 22.05
CA GLU D 17 -23.06 35.33 23.43
C GLU D 17 -21.68 34.68 23.47
N GLN D 18 -21.45 33.69 22.60
CA GLN D 18 -20.13 33.08 22.53
C GLN D 18 -19.06 34.08 22.11
N LEU D 19 -19.36 34.93 21.13
CA LEU D 19 -18.36 35.89 20.67
C LEU D 19 -18.00 36.87 21.77
N LYS D 20 -18.98 37.32 22.55
CA LYS D 20 -18.69 38.18 23.69
C LYS D 20 -17.82 37.46 24.72
N MET D 21 -18.02 36.14 24.86
CA MET D 21 -17.26 35.39 25.85
C MET D 21 -15.77 35.34 25.50
N GLU D 22 -15.45 35.18 24.21
CA GLU D 22 -14.06 35.12 23.79
C GLU D 22 -13.44 36.51 23.65
N ALA D 23 -14.26 37.57 23.64
CA ALA D 23 -13.72 38.92 23.66
C ALA D 23 -13.28 39.33 25.07
N ASN D 24 -13.94 38.82 26.10
CA ASN D 24 -13.67 39.24 27.47
C ASN D 24 -12.32 38.76 27.98
N ILE D 25 -11.76 37.71 27.42
CA ILE D 25 -10.49 37.16 27.90
C ILE D 25 -9.39 38.18 27.68
N ASP D 26 -8.27 38.01 28.38
CA ASP D 26 -7.13 38.90 28.24
C ASP D 26 -6.15 38.35 27.21
N ARG D 27 -5.39 39.25 26.60
CA ARG D 27 -4.43 38.91 25.56
C ARG D 27 -3.07 39.45 25.95
N ILE D 28 -2.03 38.65 25.74
CA ILE D 28 -0.67 39.05 26.07
C ILE D 28 0.04 39.53 24.81
N LYS D 29 0.88 40.54 24.97
CA LYS D 29 1.49 41.19 23.82
C LYS D 29 2.35 40.19 23.04
N VAL D 30 2.26 40.26 21.71
CA VAL D 30 2.87 39.24 20.86
C VAL D 30 4.39 39.28 20.96
N SER D 31 4.97 40.43 21.26
CA SER D 31 6.43 40.50 21.38
C SER D 31 6.90 39.63 22.55
N LYS D 32 6.14 39.60 23.64
CA LYS D 32 6.48 38.70 24.74
C LYS D 32 6.18 37.25 24.38
N ALA D 33 5.02 37.00 23.76
CA ALA D 33 4.64 35.63 23.45
C ALA D 33 5.45 35.06 22.29
N ALA D 34 5.96 35.93 21.42
CA ALA D 34 6.86 35.45 20.36
C ALA D 34 8.19 35.01 20.92
N ALA D 35 8.68 35.70 21.95
CA ALA D 35 9.94 35.30 22.58
C ALA D 35 9.82 33.95 23.26
N ASP D 36 8.64 33.61 23.77
CA ASP D 36 8.47 32.33 24.45
C ASP D 36 8.72 31.16 23.50
N LEU D 37 8.27 31.29 22.25
CA LEU D 37 8.58 30.26 21.26
C LEU D 37 10.08 30.24 20.95
N MET D 38 10.70 31.41 20.87
CA MET D 38 12.14 31.47 20.65
C MET D 38 12.90 30.84 21.81
N ALA D 39 12.49 31.14 23.04
CA ALA D 39 13.18 30.61 24.20
C ALA D 39 13.05 29.09 24.29
N TYR D 40 11.86 28.55 24.01
CA TYR D 40 11.66 27.11 24.09
C TYR D 40 12.54 26.38 23.08
N CYS D 41 12.81 27.01 21.93
CA CYS D 41 13.61 26.36 20.90
C CYS D 41 15.08 26.32 21.27
N GLU D 42 15.58 27.40 21.89
CA GLU D 42 16.98 27.42 22.30
C GLU D 42 17.24 26.47 23.46
N ALA D 43 16.23 26.27 24.32
CA ALA D 43 16.42 25.39 25.48
C ALA D 43 16.51 23.93 25.05
N HIS D 44 15.71 23.52 24.07
CA HIS D 44 15.62 22.12 23.66
C HIS D 44 16.34 21.86 22.34
N ALA D 45 17.19 22.79 21.88
CA ALA D 45 17.84 22.64 20.60
C ALA D 45 18.78 21.43 20.58
N LYS D 46 19.52 21.21 21.65
CA LYS D 46 20.56 20.18 21.63
C LYS D 46 19.97 18.79 21.45
N GLU D 47 18.77 18.56 21.96
CA GLU D 47 18.14 17.24 21.92
C GLU D 47 17.14 17.09 20.79
N ASP D 48 17.40 17.71 19.63
CA ASP D 48 16.56 17.56 18.45
C ASP D 48 17.38 16.86 17.36
N PRO D 49 17.22 15.55 17.16
CA PRO D 49 18.03 14.86 16.14
C PRO D 49 17.90 15.43 14.74
N LEU D 50 16.72 15.88 14.33
CA LEU D 50 16.52 16.38 12.97
C LEU D 50 17.19 17.73 12.76
N LEU D 51 17.21 18.58 13.78
CA LEU D 51 17.81 19.91 13.64
C LEU D 51 19.32 19.82 13.82
N THR D 52 19.77 19.15 14.89
CA THR D 52 21.19 18.94 15.13
C THR D 52 21.53 17.50 14.72
N PRO D 53 22.24 17.28 13.62
CA PRO D 53 22.45 15.90 13.16
C PRO D 53 23.17 15.05 14.21
N VAL D 54 22.75 13.79 14.27
CA VAL D 54 23.24 12.85 15.29
C VAL D 54 24.19 11.86 14.62
N PRO D 55 25.30 11.48 15.25
CA PRO D 55 26.20 10.50 14.65
C PRO D 55 25.46 9.20 14.33
N ALA D 56 26.09 8.38 13.48
CA ALA D 56 25.48 7.13 13.05
C ALA D 56 25.53 6.05 14.11
N SER D 57 26.05 6.34 15.31
CA SER D 57 26.05 5.35 16.38
C SER D 57 24.79 5.47 17.23
N GLU D 58 24.39 6.69 17.56
CA GLU D 58 23.14 6.92 18.27
C GLU D 58 21.93 6.90 17.36
N ASN D 59 22.13 6.82 16.06
CA ASN D 59 21.01 6.86 15.11
C ASN D 59 20.44 5.46 14.94
N PRO D 60 19.18 5.22 15.32
CA PRO D 60 18.61 3.87 15.16
C PRO D 60 18.21 3.53 13.73
N PHE D 61 18.40 4.45 12.79
CA PHE D 61 18.11 4.20 11.38
C PHE D 61 19.38 4.27 10.53
N ARG D 62 20.54 4.43 11.15
CA ARG D 62 21.83 4.48 10.46
C ARG D 62 21.76 5.28 9.17
N LEU E 43 39.41 -4.12 -48.07
CA LEU E 43 38.81 -2.81 -47.73
C LEU E 43 39.78 -1.98 -46.88
N SER E 44 39.68 -0.66 -46.98
CA SER E 44 40.59 0.22 -46.26
C SER E 44 40.40 0.07 -44.76
N LEU E 45 41.50 0.26 -44.02
CA LEU E 45 41.45 0.11 -42.57
C LEU E 45 40.53 1.14 -41.94
N SER E 46 40.57 2.39 -42.44
CA SER E 46 39.71 3.42 -41.88
C SER E 46 38.23 3.09 -42.06
N THR E 47 37.85 2.61 -43.25
CA THR E 47 36.46 2.25 -43.48
C THR E 47 36.05 1.09 -42.58
N ARG E 48 36.92 0.10 -42.41
CA ARG E 48 36.60 -1.02 -41.53
C ARG E 48 36.43 -0.55 -40.09
N VAL E 49 37.28 0.36 -39.64
CA VAL E 49 37.17 0.90 -38.29
C VAL E 49 35.85 1.64 -38.13
N THR E 50 35.47 2.45 -39.13
CA THR E 50 34.21 3.17 -39.06
C THR E 50 33.03 2.21 -38.98
N LEU E 51 33.04 1.18 -39.81
CA LEU E 51 31.96 0.19 -39.78
C LEU E 51 31.92 -0.52 -38.43
N ALA E 52 33.08 -0.86 -37.88
CA ALA E 52 33.12 -1.52 -36.58
C ALA E 52 32.55 -0.62 -35.51
N PHE E 53 32.87 0.67 -35.55
CA PHE E 53 32.32 1.61 -34.58
C PHE E 53 30.81 1.70 -34.70
N PHE E 54 30.29 1.78 -35.92
CA PHE E 54 28.85 1.86 -36.10
C PHE E 54 28.16 0.60 -35.59
N MET E 55 28.72 -0.57 -35.89
CA MET E 55 28.09 -1.82 -35.45
C MET E 55 28.18 -1.97 -33.94
N SER E 56 29.28 -1.52 -33.34
CA SER E 56 29.38 -1.53 -31.88
C SER E 56 28.36 -0.58 -31.25
N LEU E 57 28.13 0.57 -31.89
CA LEU E 57 27.08 1.47 -31.41
C LEU E 57 25.72 0.80 -31.47
N VAL E 58 25.44 0.09 -32.57
CA VAL E 58 24.16 -0.62 -32.69
C VAL E 58 24.03 -1.66 -31.60
N ALA E 59 25.09 -2.42 -31.36
CA ALA E 59 25.07 -3.43 -30.31
C ALA E 59 24.84 -2.81 -28.94
N PHE E 60 25.48 -1.66 -28.69
CA PHE E 60 25.28 -0.98 -27.42
C PHE E 60 23.83 -0.53 -27.26
N ALA E 61 23.22 -0.01 -28.32
CA ALA E 61 21.82 0.39 -28.25
C ALA E 61 20.93 -0.81 -27.97
N ILE E 62 21.17 -1.93 -28.64
CA ILE E 62 20.38 -3.14 -28.42
C ILE E 62 20.49 -3.58 -26.97
N MET E 63 21.71 -3.57 -26.43
CA MET E 63 21.90 -3.92 -25.04
C MET E 63 21.15 -2.95 -24.12
N LEU E 64 21.24 -1.65 -24.41
CA LEU E 64 20.81 -0.64 -23.46
C LEU E 64 19.29 -0.57 -23.35
N GLY E 65 18.59 -0.62 -24.48
CA GLY E 65 17.13 -0.56 -24.41
C GLY E 65 16.56 -1.69 -23.58
N ASN E 66 17.03 -2.91 -23.83
CA ASN E 66 16.53 -4.07 -23.10
C ASN E 66 17.01 -4.09 -21.65
N ALA E 67 18.21 -3.56 -21.40
CA ALA E 67 18.65 -3.40 -20.01
C ALA E 67 17.73 -2.47 -19.26
N LEU E 68 17.31 -1.38 -19.90
CA LEU E 68 16.35 -0.48 -19.27
C LEU E 68 15.03 -1.19 -19.01
N VAL E 69 14.55 -1.98 -19.97
CA VAL E 69 13.30 -2.70 -19.77
C VAL E 69 13.41 -3.65 -18.57
N ILE E 70 14.50 -4.41 -18.51
CA ILE E 70 14.68 -5.38 -17.42
C ILE E 70 14.81 -4.66 -16.09
N LEU E 71 15.53 -3.53 -16.07
CA LEU E 71 15.68 -2.76 -14.85
C LEU E 71 14.32 -2.27 -14.36
N ALA E 72 13.50 -1.74 -15.26
CA ALA E 72 12.18 -1.28 -14.86
C ALA E 72 11.35 -2.42 -14.30
N PHE E 73 11.37 -3.57 -14.97
CA PHE E 73 10.61 -4.72 -14.47
C PHE E 73 11.06 -5.09 -13.06
N VAL E 74 12.37 -5.20 -12.86
CA VAL E 74 12.88 -5.67 -11.57
C VAL E 74 12.60 -4.64 -10.48
N VAL E 75 12.66 -3.35 -10.82
CA VAL E 75 12.59 -2.30 -9.81
C VAL E 75 11.15 -1.99 -9.42
N ASP E 76 10.25 -1.83 -10.39
CA ASP E 76 8.94 -1.29 -10.09
C ASP E 76 8.16 -2.18 -9.12
N LYS E 77 8.08 -3.47 -9.44
CA LYS E 77 7.31 -4.47 -8.70
C LYS E 77 5.81 -4.27 -8.85
N ASN E 78 5.35 -3.21 -9.51
CA ASN E 78 3.96 -3.07 -9.92
C ASN E 78 3.73 -3.60 -11.31
N LEU E 79 4.71 -4.30 -11.88
CA LEU E 79 4.68 -4.81 -13.25
C LEU E 79 4.65 -6.33 -13.24
N ARG E 80 3.82 -6.92 -12.37
CA ARG E 80 3.68 -8.36 -12.26
C ARG E 80 2.44 -8.87 -12.97
N HIS E 81 1.99 -8.17 -14.01
CA HIS E 81 0.94 -8.64 -14.89
C HIS E 81 1.55 -9.49 -16.00
N ARG E 82 0.70 -10.22 -16.72
CA ARG E 82 1.19 -11.13 -17.76
C ARG E 82 1.96 -10.36 -18.83
N SER E 83 1.41 -9.24 -19.29
CA SER E 83 2.08 -8.47 -20.33
C SER E 83 3.47 -8.05 -19.89
N SER E 84 3.64 -7.72 -18.61
CA SER E 84 4.94 -7.33 -18.10
C SER E 84 5.94 -8.49 -18.19
N TYR E 85 5.50 -9.70 -17.84
CA TYR E 85 6.39 -10.85 -17.92
C TYR E 85 6.77 -11.16 -19.36
N PHE E 86 5.81 -11.05 -20.28
CA PHE E 86 6.12 -11.27 -21.69
C PHE E 86 7.09 -10.22 -22.22
N PHE E 87 6.91 -8.97 -21.81
CA PHE E 87 7.85 -7.92 -22.20
C PHE E 87 9.24 -8.21 -21.63
N LEU E 88 9.29 -8.73 -20.39
CA LEU E 88 10.58 -9.10 -19.81
C LEU E 88 11.25 -10.19 -20.62
N ASN E 89 10.48 -11.20 -21.04
CA ASN E 89 11.04 -12.27 -21.87
C ASN E 89 11.62 -11.71 -23.17
N LEU E 90 10.84 -10.88 -23.85
CA LEU E 90 11.31 -10.31 -25.11
C LEU E 90 12.54 -9.45 -24.90
N ALA E 91 12.56 -8.66 -23.81
CA ALA E 91 13.70 -7.82 -23.51
C ALA E 91 14.94 -8.67 -23.24
N ILE E 92 14.79 -9.78 -22.53
CA ILE E 92 15.93 -10.66 -22.27
C ILE E 92 16.49 -11.20 -23.58
N SER E 93 15.61 -11.65 -24.46
CA SER E 93 16.08 -12.20 -25.74
C SER E 93 16.84 -11.14 -26.53
N ASP E 94 16.29 -9.94 -26.64
CA ASP E 94 16.97 -8.89 -27.41
C ASP E 94 18.27 -8.46 -26.74
N PHE E 95 18.28 -8.37 -25.41
CA PHE E 95 19.49 -8.02 -24.68
C PHE E 95 20.61 -9.01 -24.97
N PHE E 96 20.30 -10.31 -24.91
CA PHE E 96 21.34 -11.30 -25.15
C PHE E 96 21.69 -11.41 -26.63
N VAL E 97 20.82 -10.96 -27.53
CA VAL E 97 21.26 -10.73 -28.91
C VAL E 97 22.33 -9.64 -28.93
N GLY E 98 22.10 -8.56 -28.19
CA GLY E 98 23.06 -7.47 -28.17
C GLY E 98 24.39 -7.85 -27.54
N VAL E 99 24.35 -8.71 -26.52
CA VAL E 99 25.56 -8.99 -25.74
C VAL E 99 26.47 -9.99 -26.44
N ILE E 100 25.91 -10.97 -27.14
CA ILE E 100 26.68 -12.10 -27.66
C ILE E 100 26.87 -12.01 -29.17
N SER E 101 25.78 -11.96 -29.92
CA SER E 101 25.85 -12.18 -31.36
C SER E 101 26.66 -11.09 -32.06
N ILE E 102 26.27 -9.83 -31.89
CA ILE E 102 26.92 -8.75 -32.64
C ILE E 102 28.38 -8.58 -32.22
N PRO E 103 28.73 -8.57 -30.94
CA PRO E 103 30.16 -8.44 -30.58
C PRO E 103 31.03 -9.54 -31.15
N LEU E 104 30.51 -10.77 -31.21
CA LEU E 104 31.24 -11.84 -31.88
C LEU E 104 31.30 -11.61 -33.38
N TYR E 105 30.25 -11.04 -33.96
CA TYR E 105 30.21 -10.83 -35.40
C TYR E 105 31.25 -9.81 -35.86
N ILE E 106 31.43 -8.73 -35.08
CA ILE E 106 32.27 -7.63 -35.56
C ILE E 106 33.68 -8.08 -35.89
N PRO E 107 34.43 -8.73 -35.00
CA PRO E 107 35.79 -9.15 -35.36
C PRO E 107 35.82 -10.18 -36.48
N HIS E 108 34.84 -11.08 -36.52
CA HIS E 108 34.85 -12.12 -37.54
C HIS E 108 34.76 -11.54 -38.94
N THR E 109 33.88 -10.55 -39.13
CA THR E 109 33.66 -9.99 -40.46
C THR E 109 34.64 -8.86 -40.76
N LEU E 110 34.66 -7.83 -39.92
CA LEU E 110 35.41 -6.63 -40.26
C LEU E 110 36.91 -6.82 -40.05
N PHE E 111 37.30 -7.53 -38.99
CA PHE E 111 38.70 -7.71 -38.65
C PHE E 111 39.21 -9.11 -38.96
N GLU E 112 38.44 -9.92 -39.68
CA GLU E 112 38.88 -11.20 -40.22
C GLU E 112 39.26 -12.21 -39.14
N TRP E 113 38.78 -12.04 -37.92
CA TRP E 113 39.03 -13.04 -36.89
C TRP E 113 38.40 -14.37 -37.28
N ASP E 114 39.16 -15.45 -37.12
CA ASP E 114 38.73 -16.77 -37.56
C ASP E 114 38.07 -17.48 -36.39
N PHE E 115 36.75 -17.68 -36.48
CA PHE E 115 36.03 -18.42 -35.46
C PHE E 115 36.53 -19.86 -35.39
N GLY E 116 36.58 -20.40 -34.18
CA GLY E 116 36.76 -21.84 -34.04
C GLY E 116 35.48 -22.58 -34.37
N LYS E 117 35.63 -23.87 -34.71
CA LYS E 117 34.47 -24.65 -35.10
C LYS E 117 33.43 -24.68 -33.98
N GLU E 118 33.88 -24.96 -32.76
CA GLU E 118 32.96 -24.94 -31.63
C GLU E 118 32.45 -23.53 -31.34
N ILE E 119 33.32 -22.52 -31.52
CA ILE E 119 32.89 -21.14 -31.35
C ILE E 119 31.84 -20.77 -32.39
N CYS E 120 32.05 -21.17 -33.65
CA CYS E 120 31.06 -20.91 -34.68
C CYS E 120 29.74 -21.61 -34.37
N VAL E 121 29.81 -22.86 -33.88
CA VAL E 121 28.59 -23.58 -33.52
C VAL E 121 27.85 -22.84 -32.41
N PHE E 122 28.59 -22.42 -31.39
CA PHE E 122 27.97 -21.69 -30.28
C PHE E 122 27.31 -20.41 -30.77
N TRP E 123 28.03 -19.65 -31.61
CA TRP E 123 27.48 -18.41 -32.13
C TRP E 123 26.21 -18.65 -32.92
N LEU E 124 26.23 -19.64 -33.82
CA LEU E 124 25.05 -19.91 -34.65
C LEU E 124 23.87 -20.34 -33.78
N THR E 125 24.10 -21.27 -32.86
CA THR E 125 23.00 -21.75 -32.03
C THR E 125 22.41 -20.62 -31.21
N THR E 126 23.25 -19.84 -30.53
CA THR E 126 22.74 -18.75 -29.70
C THR E 126 22.02 -17.72 -30.55
N ASP E 127 22.58 -17.36 -31.70
CA ASP E 127 21.96 -16.34 -32.54
C ASP E 127 20.57 -16.77 -33.00
N TYR E 128 20.47 -17.98 -33.57
CA TYR E 128 19.18 -18.43 -34.08
C TYR E 128 18.18 -18.61 -32.95
N LEU E 129 18.63 -19.16 -31.81
CA LEU E 129 17.74 -19.32 -30.67
C LEU E 129 17.17 -17.97 -30.23
N LEU E 130 18.04 -16.97 -30.09
CA LEU E 130 17.58 -15.66 -29.60
C LEU E 130 16.64 -15.00 -30.60
N CYS E 131 16.93 -15.09 -31.89
CA CYS E 131 16.06 -14.47 -32.89
C CYS E 131 14.68 -15.11 -32.90
N THR E 132 14.64 -16.44 -32.94
CA THR E 132 13.34 -17.11 -32.92
C THR E 132 12.61 -16.85 -31.61
N ALA E 133 13.36 -16.70 -30.51
CA ALA E 133 12.73 -16.38 -29.23
C ALA E 133 12.08 -15.01 -29.27
N SER E 134 12.75 -14.04 -29.91
CA SER E 134 12.13 -12.72 -30.05
C SER E 134 10.85 -12.80 -30.87
N VAL E 135 10.88 -13.54 -31.97
CA VAL E 135 9.68 -13.67 -32.81
C VAL E 135 8.54 -14.29 -32.02
N TYR E 136 8.84 -15.36 -31.28
CA TYR E 136 7.79 -16.06 -30.55
C TYR E 136 7.30 -15.27 -29.35
N ASN E 137 8.16 -14.45 -28.75
CA ASN E 137 7.70 -13.54 -27.71
C ASN E 137 6.74 -12.51 -28.27
N ILE E 138 7.01 -12.00 -29.48
CA ILE E 138 6.07 -11.08 -30.11
C ILE E 138 4.75 -11.77 -30.37
N VAL E 139 4.79 -13.03 -30.83
CA VAL E 139 3.55 -13.76 -31.08
C VAL E 139 2.77 -13.93 -29.78
N LEU E 140 3.46 -14.26 -28.69
CA LEU E 140 2.79 -14.44 -27.41
C LEU E 140 2.17 -13.14 -26.92
N ILE E 141 2.88 -12.01 -27.10
CA ILE E 141 2.33 -10.73 -26.71
C ILE E 141 1.05 -10.42 -27.50
N SER E 142 1.09 -10.68 -28.80
CA SER E 142 -0.10 -10.45 -29.63
C SER E 142 -1.25 -11.33 -29.18
N TYR E 143 -0.96 -12.58 -28.84
CA TYR E 143 -2.01 -13.48 -28.35
C TYR E 143 -2.61 -12.95 -27.05
N ASP E 144 -1.75 -12.47 -26.14
CA ASP E 144 -2.25 -11.95 -24.87
C ASP E 144 -3.16 -10.75 -25.10
N ARG E 145 -2.77 -9.83 -25.99
CA ARG E 145 -3.61 -8.67 -26.25
C ARG E 145 -4.92 -9.06 -26.90
N TYR E 146 -4.87 -10.04 -27.82
CA TYR E 146 -6.11 -10.53 -28.43
C TYR E 146 -7.04 -11.12 -27.37
N LEU E 147 -6.49 -11.87 -26.42
CA LEU E 147 -7.31 -12.41 -25.34
C LEU E 147 -7.90 -11.30 -24.49
N SER E 148 -7.10 -10.28 -24.18
CA SER E 148 -7.58 -9.18 -23.35
C SER E 148 -8.72 -8.44 -24.04
N VAL E 149 -8.68 -8.34 -25.36
CA VAL E 149 -9.72 -7.59 -26.08
C VAL E 149 -10.96 -8.45 -26.36
N SER E 150 -10.79 -9.76 -26.58
CA SER E 150 -11.90 -10.61 -27.01
C SER E 150 -12.65 -11.26 -25.86
N ASN E 151 -11.98 -11.55 -24.75
CA ASN E 151 -12.57 -12.16 -23.57
C ASN E 151 -12.27 -11.33 -22.34
N ALA E 152 -12.56 -10.03 -22.44
CA ALA E 152 -12.14 -9.10 -21.40
C ALA E 152 -12.63 -9.52 -20.02
N VAL E 153 -13.84 -10.05 -19.93
CA VAL E 153 -14.37 -10.48 -18.64
C VAL E 153 -13.56 -11.65 -18.10
N SER E 154 -13.38 -12.69 -18.92
CA SER E 154 -12.61 -13.85 -18.49
C SER E 154 -11.14 -13.47 -18.28
N TYR E 155 -10.62 -12.59 -19.12
CA TYR E 155 -9.24 -12.13 -18.95
C TYR E 155 -9.05 -11.44 -17.62
N ARG E 156 -10.00 -10.59 -17.23
CA ARG E 156 -9.86 -9.83 -15.98
C ARG E 156 -10.06 -10.73 -14.78
N THR E 157 -11.10 -11.56 -14.79
CA THR E 157 -11.43 -12.37 -13.62
C THR E 157 -10.58 -13.63 -13.51
N GLN E 158 -9.87 -14.00 -14.57
CA GLN E 158 -9.04 -15.20 -14.53
C GLN E 158 -7.87 -15.02 -13.57
N HIS E 159 -7.59 -16.06 -12.79
CA HIS E 159 -6.46 -16.07 -11.86
C HIS E 159 -5.30 -16.79 -12.52
N THR E 160 -4.21 -16.06 -12.78
CA THR E 160 -3.03 -16.60 -13.45
C THR E 160 -1.86 -16.54 -12.48
N GLY E 161 -1.38 -17.70 -12.04
CA GLY E 161 -0.23 -17.74 -11.17
C GLY E 161 1.06 -17.56 -11.92
N VAL E 162 2.13 -17.31 -11.17
CA VAL E 162 3.44 -17.12 -11.78
C VAL E 162 3.91 -18.40 -12.47
N LEU E 163 3.45 -19.56 -12.00
CA LEU E 163 3.89 -20.81 -12.60
C LEU E 163 3.45 -20.91 -14.05
N LYS E 164 2.22 -20.53 -14.36
CA LYS E 164 1.75 -20.62 -15.74
C LYS E 164 2.49 -19.63 -16.63
N ILE E 165 2.77 -18.42 -16.14
CA ILE E 165 3.51 -17.44 -16.92
C ILE E 165 4.91 -17.95 -17.22
N VAL E 166 5.57 -18.52 -16.20
CA VAL E 166 6.92 -19.06 -16.40
C VAL E 166 6.86 -20.24 -17.37
N THR E 167 5.80 -21.03 -17.30
CA THR E 167 5.64 -22.13 -18.24
C THR E 167 5.53 -21.63 -19.66
N LEU E 168 4.76 -20.56 -19.87
CA LEU E 168 4.64 -19.98 -21.21
C LEU E 168 5.99 -19.47 -21.71
N MET E 169 6.72 -18.76 -20.84
CA MET E 169 8.03 -18.23 -21.24
C MET E 169 9.00 -19.35 -21.59
N VAL E 170 9.02 -20.41 -20.77
CA VAL E 170 9.91 -21.52 -21.01
C VAL E 170 9.52 -22.26 -22.29
N ALA E 171 8.22 -22.36 -22.55
CA ALA E 171 7.79 -22.98 -23.80
C ALA E 171 8.23 -22.14 -24.99
N VAL E 172 8.15 -20.82 -24.88
CA VAL E 172 8.63 -19.96 -25.96
C VAL E 172 10.10 -20.25 -26.24
N TRP E 173 10.92 -20.26 -25.19
CA TRP E 173 12.35 -20.49 -25.39
C TRP E 173 12.60 -21.90 -25.95
N VAL E 174 11.86 -22.89 -25.46
CA VAL E 174 12.06 -24.27 -25.90
C VAL E 174 11.76 -24.42 -27.37
N LEU E 175 10.64 -23.84 -27.83
CA LEU E 175 10.29 -23.91 -29.24
C LEU E 175 11.30 -23.13 -30.08
N ALA E 176 11.76 -21.98 -29.58
CA ALA E 176 12.77 -21.22 -30.29
C ALA E 176 14.02 -22.06 -30.53
N PHE E 177 14.42 -22.83 -29.52
CA PHE E 177 15.52 -23.77 -29.71
C PHE E 177 15.16 -24.87 -30.71
N LEU E 178 14.01 -25.52 -30.50
CA LEU E 178 13.68 -26.70 -31.29
C LEU E 178 13.63 -26.39 -32.78
N VAL E 179 13.21 -25.17 -33.14
CA VAL E 179 13.06 -24.86 -34.55
C VAL E 179 14.42 -24.90 -35.26
N ASN E 180 15.46 -24.36 -34.64
CA ASN E 180 16.74 -24.14 -35.31
C ASN E 180 17.88 -25.02 -34.80
N GLY E 181 18.13 -25.03 -33.49
CA GLY E 181 19.34 -25.62 -32.95
C GLY E 181 19.53 -27.09 -33.30
N PRO E 182 18.48 -27.90 -33.15
CA PRO E 182 18.60 -29.33 -33.47
C PRO E 182 18.98 -29.59 -34.92
N MET E 183 18.69 -28.67 -35.83
CA MET E 183 19.13 -28.78 -37.21
C MET E 183 20.51 -28.20 -37.46
N ILE E 184 20.87 -27.10 -36.79
CA ILE E 184 22.21 -26.55 -36.92
C ILE E 184 23.24 -27.58 -36.46
N LEU E 185 23.02 -28.17 -35.29
CA LEU E 185 23.98 -29.14 -34.76
C LEU E 185 24.09 -30.36 -35.66
N VAL E 186 22.96 -30.83 -36.17
CA VAL E 186 22.98 -32.01 -37.03
C VAL E 186 23.67 -31.71 -38.35
N SER E 187 23.47 -30.51 -38.90
CA SER E 187 24.02 -30.16 -40.19
C SER E 187 25.47 -29.68 -40.12
N GLU E 188 26.00 -29.43 -38.92
CA GLU E 188 27.40 -29.07 -38.81
C GLU E 188 28.30 -30.09 -39.52
N SER E 189 27.93 -31.37 -39.47
CA SER E 189 28.74 -32.38 -40.14
C SER E 189 28.73 -32.19 -41.66
N TRP E 190 27.60 -31.77 -42.21
CA TRP E 190 27.48 -31.64 -43.66
C TRP E 190 28.43 -30.60 -44.23
N LYS E 191 28.92 -29.68 -43.41
CA LYS E 191 29.77 -28.61 -43.92
C LYS E 191 31.05 -29.18 -44.51
N ASP E 192 31.50 -28.55 -45.60
CA ASP E 192 32.71 -28.99 -46.28
C ASP E 192 33.94 -28.70 -45.42
N GLU E 193 35.11 -29.08 -45.94
CA GLU E 193 36.35 -28.81 -45.22
C GLU E 193 36.59 -27.31 -45.08
N GLY E 194 36.25 -26.54 -46.11
CA GLY E 194 36.44 -25.11 -46.04
C GLY E 194 35.67 -24.50 -44.89
N SER E 195 36.27 -23.48 -44.27
CA SER E 195 35.70 -22.85 -43.09
C SER E 195 34.61 -21.88 -43.52
N GLU E 196 33.35 -22.27 -43.28
CA GLU E 196 32.20 -21.41 -43.50
C GLU E 196 31.30 -21.48 -42.27
N CYS E 197 30.90 -20.32 -41.76
CA CYS E 197 30.15 -20.24 -40.52
C CYS E 197 28.64 -20.09 -40.75
N GLU E 198 28.17 -20.34 -41.96
CA GLU E 198 26.73 -20.46 -42.19
C GLU E 198 26.25 -21.83 -41.74
N PRO E 199 25.00 -21.95 -41.29
CA PRO E 199 24.48 -23.26 -40.93
C PRO E 199 24.54 -24.22 -42.11
N GLY E 200 24.80 -25.49 -41.80
CA GLY E 200 24.98 -26.47 -42.86
C GLY E 200 23.75 -26.63 -43.74
N PHE E 201 22.56 -26.65 -43.12
CA PHE E 201 21.34 -26.89 -43.89
C PHE E 201 21.11 -25.85 -44.98
N PHE E 202 21.90 -24.77 -45.00
CA PHE E 202 21.79 -23.81 -46.08
C PHE E 202 22.03 -24.47 -47.44
N SER E 203 22.73 -25.61 -47.45
CA SER E 203 22.94 -26.32 -48.69
C SER E 203 21.64 -26.88 -49.24
N GLU E 204 20.71 -27.27 -48.37
CA GLU E 204 19.44 -27.87 -48.76
C GLU E 204 18.35 -26.81 -48.63
N TRP E 205 17.55 -26.63 -49.68
CA TRP E 205 16.56 -25.56 -49.70
C TRP E 205 15.27 -25.95 -48.96
N TYR E 206 14.93 -27.24 -48.91
CA TYR E 206 13.69 -27.61 -48.24
C TYR E 206 13.80 -27.44 -46.73
N ILE E 207 14.99 -27.68 -46.16
CA ILE E 207 15.18 -27.41 -44.74
C ILE E 207 15.00 -25.93 -44.46
N LEU E 208 15.57 -25.08 -45.32
CA LEU E 208 15.40 -23.64 -45.15
C LEU E 208 13.94 -23.25 -45.26
N ALA E 209 13.21 -23.83 -46.22
CA ALA E 209 11.80 -23.50 -46.36
C ALA E 209 11.03 -23.89 -45.11
N ILE E 210 11.28 -25.09 -44.56
CA ILE E 210 10.57 -25.53 -43.38
C ILE E 210 10.90 -24.63 -42.19
N THR E 211 12.18 -24.30 -42.01
CA THR E 211 12.57 -23.43 -40.90
C THR E 211 11.90 -22.07 -41.01
N SER E 212 11.92 -21.48 -42.21
CA SER E 212 11.30 -20.17 -42.40
C SER E 212 9.79 -20.24 -42.18
N PHE E 213 9.15 -21.32 -42.62
CA PHE E 213 7.73 -21.49 -42.37
C PHE E 213 7.43 -21.54 -40.88
N LEU E 214 8.20 -22.33 -40.13
CA LEU E 214 7.94 -22.47 -38.70
C LEU E 214 8.38 -21.27 -37.88
N GLU E 215 9.22 -20.38 -38.43
CA GLU E 215 9.72 -19.24 -37.68
C GLU E 215 9.31 -17.90 -38.24
N PHE E 216 8.85 -17.82 -39.49
CA PHE E 216 8.38 -16.57 -40.06
C PHE E 216 6.93 -16.61 -40.49
N VAL E 217 6.53 -17.56 -41.34
CA VAL E 217 5.22 -17.50 -41.97
C VAL E 217 4.12 -17.68 -40.93
N ILE E 218 4.22 -18.72 -40.11
CA ILE E 218 3.20 -18.96 -39.10
C ILE E 218 3.15 -17.83 -38.08
N PRO E 219 4.27 -17.35 -37.52
CA PRO E 219 4.20 -16.18 -36.64
C PRO E 219 3.56 -14.98 -37.28
N VAL E 220 3.87 -14.71 -38.55
CA VAL E 220 3.29 -13.54 -39.23
C VAL E 220 1.78 -13.71 -39.38
N ILE E 221 1.34 -14.90 -39.78
CA ILE E 221 -0.09 -15.13 -39.94
C ILE E 221 -0.81 -14.99 -38.61
N LEU E 222 -0.22 -15.53 -37.54
CA LEU E 222 -0.84 -15.41 -36.22
C LEU E 222 -0.92 -13.97 -35.77
N VAL E 223 0.17 -13.21 -35.95
CA VAL E 223 0.18 -11.82 -35.52
C VAL E 223 -0.83 -11.01 -36.32
N ALA E 224 -0.92 -11.26 -37.63
CA ALA E 224 -1.91 -10.57 -38.45
C ALA E 224 -3.32 -10.90 -37.98
N TYR E 225 -3.59 -12.17 -37.70
CA TYR E 225 -4.92 -12.57 -37.25
C TYR E 225 -5.27 -11.88 -35.94
N PHE E 226 -4.36 -11.88 -34.98
CA PHE E 226 -4.64 -11.26 -33.67
C PHE E 226 -4.84 -9.76 -33.81
N ASN E 227 -3.99 -9.08 -34.57
CA ASN E 227 -4.13 -7.64 -34.74
C ASN E 227 -5.42 -7.29 -35.46
N MET E 228 -5.77 -8.06 -36.50
CA MET E 228 -7.01 -7.80 -37.21
C MET E 228 -8.21 -8.01 -36.29
N ASN E 229 -8.16 -9.03 -35.44
CA ASN E 229 -9.27 -9.26 -34.51
C ASN E 229 -9.37 -8.14 -33.48
N ILE E 230 -8.24 -7.61 -33.02
CA ILE E 230 -8.28 -6.48 -32.10
C ILE E 230 -8.94 -5.27 -32.78
N TYR E 231 -8.53 -4.99 -34.01
CA TYR E 231 -9.14 -3.88 -34.74
C TYR E 231 -10.62 -4.12 -34.94
N TRP E 232 -11.02 -5.35 -35.29
CA TRP E 232 -12.43 -5.64 -35.48
C TRP E 232 -13.21 -5.47 -34.19
N SER E 233 -12.61 -5.85 -33.06
CA SER E 233 -13.27 -5.62 -31.78
C SER E 233 -13.56 -4.15 -31.58
N LEU E 234 -12.54 -3.30 -31.75
CA LEU E 234 -12.78 -1.86 -31.58
C LEU E 234 -13.83 -1.36 -32.58
N TRP E 235 -13.72 -1.79 -33.84
CA TRP E 235 -14.62 -1.30 -34.87
C TRP E 235 -16.07 -1.69 -34.59
N LYS E 236 -16.30 -2.92 -34.17
CA LYS E 236 -17.65 -3.33 -33.79
C LYS E 236 -18.13 -2.54 -32.58
N ARG E 237 -17.24 -2.28 -31.63
CA ARG E 237 -17.61 -1.44 -30.50
C ARG E 237 -18.05 -0.06 -30.95
N ASP E 238 -17.32 0.53 -31.90
CA ASP E 238 -17.70 1.82 -32.46
C ASP E 238 -18.91 1.68 -33.37
N GLN E 322 -19.87 14.43 -35.16
CA GLN E 322 -19.10 14.85 -34.00
C GLN E 322 -18.53 13.63 -33.27
N ARG E 323 -19.37 12.91 -32.54
CA ARG E 323 -18.91 11.71 -31.85
C ARG E 323 -18.45 10.65 -32.86
N GLU E 324 -19.18 10.50 -33.96
CA GLU E 324 -18.74 9.59 -35.01
C GLU E 324 -17.37 9.96 -35.54
N HIS E 325 -17.06 11.26 -35.58
CA HIS E 325 -15.71 11.68 -35.96
C HIS E 325 -14.69 11.16 -34.95
N VAL E 326 -15.01 11.24 -33.66
CA VAL E 326 -14.10 10.72 -32.64
C VAL E 326 -13.88 9.22 -32.84
N GLU E 327 -14.97 8.48 -33.09
CA GLU E 327 -14.85 7.05 -33.33
C GLU E 327 -13.99 6.76 -34.55
N LEU E 328 -14.18 7.51 -35.64
CA LEU E 328 -13.38 7.31 -36.85
C LEU E 328 -11.91 7.57 -36.57
N LEU E 329 -11.59 8.66 -35.88
CA LEU E 329 -10.19 8.96 -35.59
C LEU E 329 -9.56 7.89 -34.71
N ARG E 330 -10.29 7.43 -33.68
CA ARG E 330 -9.75 6.40 -32.81
C ARG E 330 -9.53 5.09 -33.55
N ALA E 331 -10.48 4.71 -34.42
CA ALA E 331 -10.30 3.49 -35.20
C ALA E 331 -9.12 3.62 -36.16
N ARG E 332 -8.95 4.79 -36.77
CA ARG E 332 -7.81 5.01 -37.65
C ARG E 332 -6.50 4.88 -36.88
N ARG E 333 -6.43 5.44 -35.67
CA ARG E 333 -5.22 5.33 -34.88
C ARG E 333 -4.92 3.88 -34.50
N LEU E 334 -5.96 3.12 -34.11
CA LEU E 334 -5.73 1.73 -33.79
C LEU E 334 -5.23 0.94 -35.00
N ALA E 335 -5.84 1.17 -36.16
CA ALA E 335 -5.39 0.50 -37.37
C ALA E 335 -3.95 0.86 -37.69
N LYS E 336 -3.60 2.15 -37.54
CA LYS E 336 -2.23 2.57 -37.81
C LYS E 336 -1.25 1.89 -36.88
N SER E 337 -1.57 1.79 -35.59
CA SER E 337 -0.65 1.15 -34.64
C SER E 337 -0.46 -0.32 -34.99
N LEU E 338 -1.56 -1.04 -35.21
CA LEU E 338 -1.46 -2.46 -35.52
C LEU E 338 -0.71 -2.69 -36.82
N ALA E 339 -0.99 -1.86 -37.83
CA ALA E 339 -0.28 -1.98 -39.11
C ALA E 339 1.20 -1.70 -38.93
N ILE E 340 1.56 -0.71 -38.11
CA ILE E 340 2.97 -0.41 -37.88
C ILE E 340 3.65 -1.62 -37.28
N LEU E 341 3.04 -2.22 -36.25
CA LEU E 341 3.66 -3.38 -35.61
C LEU E 341 3.87 -4.50 -36.62
N LEU E 342 2.79 -4.89 -37.32
CA LEU E 342 2.90 -6.00 -38.26
C LEU E 342 3.90 -5.70 -39.37
N GLY E 343 3.87 -4.48 -39.90
CA GLY E 343 4.75 -4.13 -40.98
C GLY E 343 6.20 -4.11 -40.58
N VAL E 344 6.50 -3.60 -39.38
CA VAL E 344 7.89 -3.63 -38.91
C VAL E 344 8.37 -5.06 -38.78
N PHE E 345 7.56 -5.92 -38.16
CA PHE E 345 7.96 -7.32 -38.02
C PHE E 345 8.22 -7.94 -39.40
N ALA E 346 7.28 -7.78 -40.33
CA ALA E 346 7.41 -8.40 -41.64
C ALA E 346 8.60 -7.85 -42.41
N VAL E 347 8.78 -6.53 -42.40
CA VAL E 347 9.86 -5.92 -43.14
C VAL E 347 11.21 -6.37 -42.60
N CYS E 348 11.31 -6.55 -41.29
CA CYS E 348 12.57 -7.00 -40.72
C CYS E 348 12.84 -8.46 -41.05
N TRP E 349 11.83 -9.32 -41.02
CA TRP E 349 12.10 -10.75 -41.10
C TRP E 349 11.91 -11.37 -42.48
N ALA E 350 11.27 -10.69 -43.43
CA ALA E 350 11.01 -11.29 -44.74
C ALA E 350 12.23 -11.23 -45.65
N PRO E 351 12.94 -10.11 -45.72
CA PRO E 351 14.05 -10.01 -46.70
C PRO E 351 15.08 -11.12 -46.56
N TYR E 352 15.66 -11.30 -45.37
CA TYR E 352 16.71 -12.30 -45.21
C TYR E 352 16.18 -13.71 -45.46
N SER E 353 14.99 -14.01 -44.96
CA SER E 353 14.44 -15.36 -45.15
C SER E 353 14.24 -15.66 -46.62
N LEU E 354 13.61 -14.74 -47.36
CA LEU E 354 13.38 -14.97 -48.78
C LEU E 354 14.69 -15.05 -49.55
N PHE E 355 15.65 -14.17 -49.21
CA PHE E 355 16.95 -14.21 -49.88
C PHE E 355 17.62 -15.55 -49.68
N THR E 356 17.62 -16.04 -48.43
CA THR E 356 18.24 -17.32 -48.14
C THR E 356 17.57 -18.44 -48.90
N ILE E 357 16.23 -18.46 -48.91
CA ILE E 357 15.52 -19.54 -49.61
C ILE E 357 15.85 -19.52 -51.09
N VAL E 358 15.83 -18.33 -51.70
CA VAL E 358 16.08 -18.24 -53.14
C VAL E 358 17.50 -18.66 -53.47
N LEU E 359 18.47 -18.17 -52.71
CA LEU E 359 19.87 -18.50 -52.99
C LEU E 359 20.11 -20.00 -52.80
N SER E 360 19.51 -20.60 -51.78
CA SER E 360 19.64 -22.04 -51.59
C SER E 360 19.00 -22.80 -52.76
N PHE E 361 17.85 -22.33 -53.23
CA PHE E 361 17.21 -22.99 -54.37
C PHE E 361 18.11 -22.91 -55.60
N TYR E 362 18.79 -21.79 -55.80
CA TYR E 362 19.75 -21.65 -56.89
C TYR E 362 21.15 -22.12 -56.51
N SER E 363 21.32 -22.71 -55.32
CA SER E 363 22.58 -23.26 -54.85
C SER E 363 23.60 -22.19 -54.50
N SER E 364 23.18 -20.93 -54.43
CA SER E 364 24.09 -19.82 -54.15
C SER E 364 24.14 -19.44 -52.68
N ALA E 365 23.38 -20.14 -51.82
CA ALA E 365 23.34 -19.77 -50.41
C ALA E 365 24.72 -19.87 -49.76
N THR E 366 25.44 -20.95 -50.04
CA THR E 366 26.78 -21.15 -49.50
C THR E 366 27.80 -20.55 -50.46
N GLY E 367 28.56 -19.57 -49.97
CA GLY E 367 29.53 -18.89 -50.77
C GLY E 367 29.62 -17.41 -50.43
N PRO E 368 30.16 -16.60 -51.34
CA PRO E 368 30.28 -15.17 -51.06
C PRO E 368 28.92 -14.51 -50.91
N LYS E 369 28.88 -13.48 -50.07
CA LYS E 369 27.66 -12.73 -49.79
C LYS E 369 27.71 -11.37 -50.46
N SER E 370 26.57 -10.92 -50.98
CA SER E 370 26.46 -9.61 -51.59
C SER E 370 26.09 -8.57 -50.53
N VAL E 371 26.11 -7.30 -50.95
CA VAL E 371 25.79 -6.21 -50.02
C VAL E 371 24.34 -6.31 -49.56
N TRP E 372 23.42 -6.57 -50.50
CA TRP E 372 22.02 -6.68 -50.13
C TRP E 372 21.80 -7.85 -49.18
N TYR E 373 22.53 -8.95 -49.37
CA TYR E 373 22.43 -10.08 -48.47
C TYR E 373 22.84 -9.69 -47.05
N ARG E 374 23.94 -8.93 -46.92
CA ARG E 374 24.38 -8.51 -45.60
C ARG E 374 23.38 -7.56 -44.95
N ILE E 375 22.79 -6.65 -45.73
CA ILE E 375 21.78 -5.75 -45.19
C ILE E 375 20.57 -6.55 -44.69
N ALA E 376 20.14 -7.53 -45.47
CA ALA E 376 19.05 -8.39 -45.04
C ALA E 376 19.42 -9.14 -43.76
N PHE E 377 20.68 -9.57 -43.67
CA PHE E 377 21.15 -10.21 -42.44
C PHE E 377 21.02 -9.29 -41.25
N TRP E 378 21.38 -8.02 -41.42
CA TRP E 378 21.34 -7.05 -40.32
C TRP E 378 19.92 -6.61 -39.97
N LEU E 379 18.97 -6.81 -40.89
CA LEU E 379 17.60 -6.35 -40.60
C LEU E 379 17.01 -7.04 -39.37
N GLN E 380 17.32 -8.32 -39.16
CA GLN E 380 16.77 -9.01 -38.00
C GLN E 380 17.33 -8.45 -36.69
N TRP E 381 18.63 -8.17 -36.64
CA TRP E 381 19.18 -7.52 -35.46
C TRP E 381 18.59 -6.14 -35.28
N PHE E 382 18.27 -5.45 -36.37
CA PHE E 382 17.57 -4.17 -36.25
C PHE E 382 16.20 -4.36 -35.63
N ASN E 383 15.53 -5.46 -35.95
CA ASN E 383 14.26 -5.77 -35.29
C ASN E 383 14.46 -5.99 -33.80
N SER E 384 15.54 -6.70 -33.44
CA SER E 384 15.87 -6.88 -32.02
C SER E 384 16.08 -5.53 -31.35
N PHE E 385 16.68 -4.57 -32.07
CA PHE E 385 16.83 -3.22 -31.55
C PHE E 385 15.48 -2.51 -31.41
N VAL E 386 14.57 -2.76 -32.35
CA VAL E 386 13.34 -1.98 -32.41
C VAL E 386 12.32 -2.46 -31.37
N ASN E 387 12.32 -3.74 -31.05
CA ASN E 387 11.27 -4.29 -30.20
C ASN E 387 11.07 -3.54 -28.88
N PRO E 388 12.12 -3.11 -28.16
CA PRO E 388 11.88 -2.40 -26.90
C PRO E 388 11.07 -1.12 -27.06
N LEU E 389 11.25 -0.39 -28.15
CA LEU E 389 10.60 0.90 -28.32
C LEU E 389 9.12 0.76 -28.71
N LEU E 390 8.71 -0.40 -29.19
CA LEU E 390 7.34 -0.60 -29.65
C LEU E 390 6.46 -1.22 -28.56
N TYR E 391 6.81 -2.40 -28.09
CA TYR E 391 5.95 -3.10 -27.15
C TYR E 391 6.08 -2.56 -25.72
N PRO E 392 7.27 -2.58 -25.08
CA PRO E 392 7.37 -2.00 -23.73
C PRO E 392 7.17 -0.49 -23.67
N LEU E 393 7.92 0.25 -24.49
CA LEU E 393 7.97 1.70 -24.34
C LEU E 393 6.63 2.36 -24.64
N CYS E 394 5.73 1.67 -25.34
CA CYS E 394 4.40 2.22 -25.61
C CYS E 394 3.40 1.87 -24.52
N HIS E 395 3.78 1.02 -23.56
CA HIS E 395 2.88 0.64 -22.48
C HIS E 395 2.99 1.66 -21.35
N LYS E 396 1.85 2.08 -20.81
CA LYS E 396 1.84 3.20 -19.88
C LYS E 396 2.42 2.83 -18.53
N ARG E 397 2.23 1.58 -18.09
CA ARG E 397 2.83 1.15 -16.83
C ARG E 397 4.35 1.18 -16.91
N PHE E 398 4.90 0.65 -18.01
CA PHE E 398 6.35 0.70 -18.20
C PHE E 398 6.83 2.13 -18.37
N GLN E 399 6.01 2.98 -19.02
CA GLN E 399 6.37 4.39 -19.12
C GLN E 399 6.47 5.04 -17.75
N LYS E 400 5.50 4.74 -16.87
CA LYS E 400 5.55 5.28 -15.51
C LYS E 400 6.78 4.76 -14.77
N ALA E 401 7.10 3.48 -14.94
CA ALA E 401 8.29 2.93 -14.29
C ALA E 401 9.55 3.64 -14.78
N PHE E 402 9.66 3.84 -16.09
CA PHE E 402 10.82 4.53 -16.62
C PHE E 402 10.91 5.95 -16.09
N LEU E 403 9.79 6.66 -16.05
CA LEU E 403 9.79 8.04 -15.54
C LEU E 403 10.21 8.08 -14.08
N LYS E 404 9.70 7.14 -13.27
CA LYS E 404 10.09 7.10 -11.87
C LYS E 404 11.59 6.83 -11.73
N ILE E 405 12.12 5.88 -12.50
CA ILE E 405 13.53 5.52 -12.37
C ILE E 405 14.42 6.67 -12.80
N PHE E 406 14.06 7.34 -13.90
CA PHE E 406 14.90 8.40 -14.46
C PHE E 406 14.65 9.75 -13.81
N CYS E 407 13.69 9.86 -12.89
CA CYS E 407 13.42 11.12 -12.20
C CYS E 407 13.44 10.92 -10.69
#